data_5JHC
#
_entry.id   5JHC
#
_cell.length_a   248.758
_cell.length_b   248.758
_cell.length_c   164.403
_cell.angle_alpha   90.00
_cell.angle_beta   90.00
_cell.angle_gamma   120.00
#
_symmetry.space_group_name_H-M   'H 3 2'
#
_entity_poly.entity_id   1
_entity_poly.type   'polypeptide(L)'
_entity_poly.pdbx_seq_one_letter_code
;GPMEEQREILEQLKKTLQMLTVEL
;
_entity_poly.pdbx_strand_id   A,C,E,G,I,K,M,O,Q,S,U,W,Y,B,a,b,D,F,c,H,d,J,e,L,f,N,g,P,h,R,i,T,j,V,k,X,l,Z,m
#
# COMPACT_ATOMS: atom_id res chain seq x y z
N GLY A 1 -15.07 -4.08 48.01
CA GLY A 1 -14.70 -2.75 48.44
C GLY A 1 -15.79 -1.75 48.10
N PRO A 2 -15.42 -0.57 47.58
CA PRO A 2 -16.47 0.39 47.25
C PRO A 2 -17.38 -0.14 46.15
N MET A 3 -18.59 0.37 46.09
CA MET A 3 -19.56 -0.09 45.10
C MET A 3 -19.08 0.20 43.69
N GLU A 4 -18.41 1.34 43.53
CA GLU A 4 -17.95 1.79 42.22
C GLU A 4 -16.94 0.84 41.58
N GLU A 5 -16.00 0.36 42.38
CA GLU A 5 -15.00 -0.58 41.91
C GLU A 5 -15.66 -1.87 41.44
N GLN A 6 -16.67 -2.30 42.19
CA GLN A 6 -17.42 -3.49 41.83
C GLN A 6 -18.16 -3.31 40.52
N ARG A 7 -18.71 -2.11 40.32
CA ARG A 7 -19.41 -1.81 39.07
C ARG A 7 -18.44 -1.85 37.89
N GLU A 8 -17.23 -1.29 38.08
CA GLU A 8 -16.25 -1.30 37.01
C GLU A 8 -15.81 -2.70 36.66
N ILE A 9 -15.57 -3.54 37.66
CA ILE A 9 -15.19 -4.91 37.36
C ILE A 9 -16.29 -5.64 36.62
N LEU A 10 -17.53 -5.46 37.03
CA LEU A 10 -18.58 -6.15 36.32
C LEU A 10 -18.70 -5.69 34.87
N GLU A 11 -18.59 -4.38 34.65
CA GLU A 11 -18.73 -3.86 33.29
C GLU A 11 -17.59 -4.33 32.38
N GLN A 12 -16.39 -4.36 32.93
CA GLN A 12 -15.24 -4.82 32.16
C GLN A 12 -15.33 -6.30 31.92
N LEU A 13 -15.83 -7.06 32.88
CA LEU A 13 -16.01 -8.48 32.65
C LEU A 13 -16.99 -8.71 31.53
N LYS A 14 -18.04 -7.91 31.48
CA LYS A 14 -19.00 -8.05 30.39
C LYS A 14 -18.29 -7.80 29.05
N LYS A 15 -17.57 -6.69 28.95
CA LYS A 15 -16.89 -6.36 27.69
C LYS A 15 -15.84 -7.39 27.27
N THR A 16 -15.00 -7.82 28.19
CA THR A 16 -13.97 -8.80 27.88
C THR A 16 -14.59 -10.11 27.46
N LEU A 17 -15.67 -10.47 28.12
CA LEU A 17 -16.33 -11.74 27.82
C LEU A 17 -16.95 -11.71 26.42
N GLN A 18 -17.53 -10.57 26.06
CA GLN A 18 -18.10 -10.37 24.74
C GLN A 18 -17.03 -10.49 23.65
N MET A 19 -15.86 -9.88 23.89
CA MET A 19 -14.73 -9.96 22.95
C MET A 19 -14.29 -11.38 22.76
N LEU A 20 -14.23 -12.12 23.86
CA LEU A 20 -13.86 -13.50 23.78
C LEU A 20 -14.83 -14.20 22.88
N THR A 21 -16.09 -13.77 22.94
CA THR A 21 -17.07 -14.41 22.08
C THR A 21 -16.88 -13.99 20.62
N VAL A 22 -16.31 -12.80 20.40
CA VAL A 22 -16.00 -12.40 19.03
C VAL A 22 -14.89 -13.24 18.45
N GLU A 23 -13.81 -13.41 19.19
CA GLU A 23 -12.65 -14.09 18.63
C GLU A 23 -12.82 -15.55 18.34
N LEU A 24 -13.42 -16.30 19.23
CA LEU A 24 -13.51 -17.71 18.97
C LEU A 24 -14.41 -17.96 17.76
N GLY B 1 -41.77 -6.50 28.40
CA GLY B 1 -41.46 -6.55 26.98
C GLY B 1 -40.06 -7.05 26.73
N PRO B 2 -39.11 -6.12 26.55
CA PRO B 2 -37.68 -6.41 26.42
C PRO B 2 -37.14 -7.47 27.39
N MET B 3 -37.88 -7.78 28.44
CA MET B 3 -37.48 -8.83 29.36
C MET B 3 -38.00 -10.19 28.90
N GLU B 4 -39.17 -10.17 28.27
CA GLU B 4 -39.81 -11.38 27.80
C GLU B 4 -38.91 -12.14 26.83
N GLU B 5 -38.46 -11.44 25.78
CA GLU B 5 -37.55 -12.03 24.81
C GLU B 5 -36.34 -12.62 25.51
N GLN B 6 -35.77 -11.83 26.42
CA GLN B 6 -34.63 -12.24 27.22
C GLN B 6 -34.89 -13.57 27.93
N ARG B 7 -36.15 -13.82 28.28
CA ARG B 7 -36.50 -15.12 28.85
C ARG B 7 -36.55 -16.21 27.77
N GLU B 8 -37.27 -15.92 26.69
CA GLU B 8 -37.46 -16.85 25.58
C GLU B 8 -36.15 -17.49 25.14
N ILE B 9 -35.16 -16.62 24.94
CA ILE B 9 -33.85 -17.05 24.48
C ILE B 9 -33.24 -18.07 25.43
N LEU B 10 -33.28 -17.76 26.72
CA LEU B 10 -32.70 -18.62 27.74
C LEU B 10 -33.38 -19.97 27.71
N GLU B 11 -34.70 -19.95 27.49
CA GLU B 11 -35.44 -21.18 27.32
C GLU B 11 -34.84 -22.00 26.18
N GLN B 12 -34.70 -21.34 25.04
CA GLN B 12 -34.14 -21.96 23.85
C GLN B 12 -32.83 -22.66 24.17
N LEU B 13 -31.91 -21.92 24.79
CA LEU B 13 -30.60 -22.45 25.12
C LEU B 13 -30.67 -23.61 26.09
N LYS B 14 -31.66 -23.58 26.99
CA LYS B 14 -31.88 -24.71 27.87
C LYS B 14 -32.17 -25.96 27.04
N LYS B 15 -33.15 -25.84 26.15
CA LYS B 15 -33.53 -26.97 25.30
C LYS B 15 -32.34 -27.51 24.52
N THR B 16 -31.64 -26.59 23.85
CA THR B 16 -30.48 -26.93 23.06
C THR B 16 -29.45 -27.70 23.87
N LEU B 17 -29.17 -27.19 25.07
CA LEU B 17 -28.24 -27.85 25.98
C LEU B 17 -28.67 -29.28 26.25
N GLN B 18 -29.98 -29.47 26.48
CA GLN B 18 -30.50 -30.81 26.69
C GLN B 18 -30.14 -31.73 25.52
N MET B 19 -30.55 -31.33 24.32
CA MET B 19 -30.27 -32.12 23.12
C MET B 19 -28.79 -32.48 22.98
N LEU B 20 -27.93 -31.45 23.00
CA LEU B 20 -26.49 -31.65 22.90
C LEU B 20 -25.95 -32.60 23.95
N THR B 21 -26.49 -32.52 25.15
CA THR B 21 -26.06 -33.38 26.25
C THR B 21 -26.47 -34.82 26.02
N VAL B 22 -27.62 -35.01 25.39
CA VAL B 22 -28.06 -36.34 25.01
C VAL B 22 -27.15 -36.92 23.94
N GLU B 23 -26.74 -36.07 23.01
CA GLU B 23 -25.92 -36.49 21.86
C GLU B 23 -24.55 -37.04 22.27
N LEU B 24 -23.98 -36.48 23.33
CA LEU B 24 -22.66 -36.88 23.80
C LEU B 24 -22.61 -38.38 24.15
N GLY C 1 -30.57 12.78 36.12
CA GLY C 1 -31.94 12.71 35.65
C GLY C 1 -32.05 12.12 34.26
N PRO C 2 -31.86 12.96 33.23
CA PRO C 2 -31.93 12.51 31.84
C PRO C 2 -30.87 11.47 31.50
N MET C 3 -29.65 11.72 31.97
CA MET C 3 -28.54 10.82 31.70
C MET C 3 -28.74 9.45 32.32
N GLU C 4 -29.40 9.40 33.47
CA GLU C 4 -29.70 8.14 34.13
C GLU C 4 -30.68 7.30 33.29
N GLU C 5 -31.73 7.96 32.80
CA GLU C 5 -32.72 7.32 31.96
C GLU C 5 -32.04 6.82 30.70
N GLN C 6 -31.18 7.68 30.17
CA GLN C 6 -30.37 7.36 29.01
C GLN C 6 -29.54 6.12 29.29
N ARG C 7 -29.02 6.02 30.52
CA ARG C 7 -28.20 4.88 30.91
C ARG C 7 -29.02 3.60 30.94
N GLU C 8 -30.26 3.70 31.39
CA GLU C 8 -31.13 2.53 31.41
C GLU C 8 -31.45 2.08 30.00
N ILE C 9 -31.71 3.07 29.15
CA ILE C 9 -32.03 2.79 27.76
C ILE C 9 -30.84 2.17 27.06
N LEU C 10 -29.66 2.71 27.30
CA LEU C 10 -28.45 2.21 26.70
C LEU C 10 -28.11 0.80 27.15
N GLU C 11 -28.25 0.51 28.44
CA GLU C 11 -27.95 -0.84 28.88
C GLU C 11 -28.97 -1.81 28.34
N GLN C 12 -30.20 -1.33 28.19
CA GLN C 12 -31.26 -2.16 27.64
C GLN C 12 -31.02 -2.44 26.18
N LEU C 13 -30.55 -1.43 25.47
CA LEU C 13 -30.19 -1.51 24.06
C LEU C 13 -29.02 -2.44 23.85
N LYS C 14 -28.05 -2.36 24.73
CA LYS C 14 -26.89 -3.21 24.67
C LYS C 14 -27.38 -4.63 24.83
N LYS C 15 -28.30 -4.80 25.76
CA LYS C 15 -28.90 -6.11 25.99
C LYS C 15 -29.61 -6.58 24.74
N THR C 16 -30.31 -5.66 24.10
CA THR C 16 -31.09 -5.97 22.91
C THR C 16 -30.22 -6.37 21.72
N LEU C 17 -29.13 -5.65 21.50
CA LEU C 17 -28.23 -5.94 20.41
C LEU C 17 -27.58 -7.27 20.67
N GLN C 18 -27.22 -7.49 21.92
CA GLN C 18 -26.64 -8.75 22.30
C GLN C 18 -27.59 -9.92 22.06
N MET C 19 -28.85 -9.70 22.39
CA MET C 19 -29.85 -10.72 22.15
C MET C 19 -29.97 -10.99 20.67
N LEU C 20 -29.95 -9.90 19.91
CA LEU C 20 -30.09 -9.96 18.47
C LEU C 20 -28.97 -10.78 17.87
N THR C 21 -27.77 -10.62 18.40
CA THR C 21 -26.62 -11.37 17.94
C THR C 21 -26.74 -12.81 18.38
N VAL C 22 -27.44 -13.03 19.48
CA VAL C 22 -27.64 -14.42 19.91
C VAL C 22 -28.58 -15.15 18.97
N GLU C 23 -29.68 -14.50 18.61
CA GLU C 23 -30.71 -15.14 17.81
C GLU C 23 -30.30 -15.41 16.38
N LEU C 24 -29.64 -14.45 15.76
CA LEU C 24 -29.28 -14.57 14.36
C LEU C 24 -28.29 -15.71 14.17
N GLY D 1 -4.10 -4.57 28.07
CA GLY D 1 -5.22 -3.70 28.41
C GLY D 1 -6.45 -3.95 27.54
N PRO D 2 -7.64 -3.67 28.10
CA PRO D 2 -8.92 -3.85 27.38
C PRO D 2 -9.08 -2.88 26.22
N MET D 3 -8.63 -1.65 26.39
CA MET D 3 -8.76 -0.65 25.35
C MET D 3 -7.96 -1.02 24.12
N GLU D 4 -6.78 -1.57 24.35
CA GLU D 4 -5.93 -2.03 23.27
C GLU D 4 -6.58 -3.19 22.53
N GLU D 5 -7.15 -4.13 23.27
CA GLU D 5 -7.80 -5.29 22.69
C GLU D 5 -8.96 -4.88 21.83
N GLN D 6 -9.68 -3.89 22.30
CA GLN D 6 -10.82 -3.37 21.59
C GLN D 6 -10.39 -2.76 20.27
N ARG D 7 -9.30 -2.00 20.31
CA ARG D 7 -8.79 -1.41 19.07
C ARG D 7 -8.35 -2.50 18.10
N GLU D 8 -7.68 -3.51 18.64
CA GLU D 8 -7.16 -4.61 17.84
C GLU D 8 -8.26 -5.36 17.12
N ILE D 9 -9.31 -5.69 17.85
CA ILE D 9 -10.41 -6.43 17.24
C ILE D 9 -11.16 -5.59 16.23
N LEU D 10 -11.38 -4.32 16.52
CA LEU D 10 -12.05 -3.48 15.53
C LEU D 10 -11.21 -3.43 14.25
N GLU D 11 -9.90 -3.34 14.39
CA GLU D 11 -9.05 -3.30 13.20
C GLU D 11 -9.15 -4.57 12.39
N GLN D 12 -9.01 -5.72 13.05
CA GLN D 12 -9.03 -6.98 12.32
C GLN D 12 -10.37 -7.17 11.63
N LEU D 13 -11.40 -6.64 12.27
CA LEU D 13 -12.73 -6.73 11.72
C LEU D 13 -12.79 -5.90 10.45
N LYS D 14 -12.11 -4.76 10.46
CA LYS D 14 -12.07 -3.94 9.26
C LYS D 14 -11.37 -4.68 8.15
N LYS D 15 -10.30 -5.37 8.48
CA LYS D 15 -9.58 -6.11 7.46
C LYS D 15 -10.46 -7.17 6.79
N THR D 16 -11.10 -8.01 7.59
CA THR D 16 -11.95 -9.06 7.00
C THR D 16 -13.10 -8.45 6.22
N LEU D 17 -13.60 -7.31 6.68
CA LEU D 17 -14.70 -6.66 5.97
C LEU D 17 -14.26 -6.18 4.62
N GLN D 18 -13.06 -5.63 4.53
CA GLN D 18 -12.54 -5.19 3.24
C GLN D 18 -12.31 -6.37 2.29
N MET D 19 -11.72 -7.46 2.80
CA MET D 19 -11.53 -8.64 1.97
C MET D 19 -12.88 -9.13 1.46
N LEU D 20 -13.88 -9.12 2.33
CA LEU D 20 -15.20 -9.59 1.95
C LEU D 20 -15.85 -8.69 0.91
N THR D 21 -15.63 -7.38 1.01
CA THR D 21 -16.20 -6.49 0.00
C THR D 21 -15.53 -6.77 -1.32
N VAL D 22 -14.27 -7.15 -1.27
CA VAL D 22 -13.56 -7.54 -2.48
C VAL D 22 -14.11 -8.84 -3.05
N GLU D 23 -14.49 -9.75 -2.17
CA GLU D 23 -15.02 -11.04 -2.58
C GLU D 23 -16.46 -10.93 -3.06
N LEU D 24 -17.08 -9.79 -2.81
CA LEU D 24 -18.44 -9.54 -3.24
C LEU D 24 -18.49 -9.37 -4.75
N GLY E 1 51.76 -13.84 11.02
CA GLY E 1 52.41 -14.42 9.86
C GLY E 1 51.46 -14.58 8.69
N PRO E 2 50.99 -15.83 8.47
CA PRO E 2 50.08 -16.12 7.36
C PRO E 2 48.73 -15.44 7.50
N MET E 3 48.16 -15.43 8.70
CA MET E 3 46.86 -14.81 8.91
C MET E 3 46.92 -13.29 8.73
N GLU E 4 47.97 -12.66 9.24
CA GLU E 4 48.10 -11.21 9.12
C GLU E 4 48.30 -10.85 7.65
N GLU E 5 49.13 -11.66 6.97
CA GLU E 5 49.41 -11.44 5.56
C GLU E 5 48.09 -11.51 4.80
N GLN E 6 47.30 -12.52 5.14
CA GLN E 6 45.99 -12.70 4.54
C GLN E 6 45.13 -11.47 4.78
N ARG E 7 45.25 -10.87 5.96
CA ARG E 7 44.47 -9.67 6.26
C ARG E 7 44.88 -8.50 5.38
N GLU E 8 46.19 -8.36 5.15
CA GLU E 8 46.69 -7.29 4.31
C GLU E 8 46.16 -7.47 2.89
N ILE E 9 46.11 -8.73 2.48
CA ILE E 9 45.58 -9.09 1.17
C ILE E 9 44.12 -8.69 1.05
N LEU E 10 43.32 -9.12 2.01
CA LEU E 10 41.92 -8.75 2.10
C LEU E 10 41.71 -7.24 1.95
N GLU E 11 42.49 -6.45 2.69
CA GLU E 11 42.35 -4.99 2.61
C GLU E 11 42.66 -4.50 1.20
N GLN E 12 43.66 -5.13 0.58
CA GLN E 12 44.00 -4.76 -0.78
C GLN E 12 42.83 -5.01 -1.72
N LEU E 13 42.18 -6.16 -1.54
CA LEU E 13 41.02 -6.49 -2.36
C LEU E 13 39.86 -5.52 -2.12
N LYS E 14 39.66 -5.12 -0.87
CA LYS E 14 38.62 -4.15 -0.55
C LYS E 14 38.88 -2.90 -1.35
N LYS E 15 40.14 -2.52 -1.40
CA LYS E 15 40.54 -1.36 -2.18
C LYS E 15 40.24 -1.55 -3.65
N THR E 16 40.50 -2.77 -4.14
CA THR E 16 40.30 -3.06 -5.55
C THR E 16 38.85 -2.91 -5.96
N LEU E 17 37.96 -3.48 -5.16
CA LEU E 17 36.54 -3.42 -5.43
C LEU E 17 35.98 -2.03 -5.32
N GLN E 18 36.41 -1.27 -4.32
CA GLN E 18 35.91 0.10 -4.22
C GLN E 18 36.31 0.90 -5.44
N MET E 19 37.54 0.69 -5.87
CA MET E 19 37.98 1.39 -7.07
C MET E 19 37.17 0.97 -8.28
N LEU E 20 36.89 -0.32 -8.38
CA LEU E 20 36.11 -0.80 -9.51
C LEU E 20 34.72 -0.18 -9.52
N THR E 21 34.13 -0.04 -8.34
CA THR E 21 32.81 0.56 -8.19
C THR E 21 32.91 2.02 -8.59
N VAL E 22 34.11 2.57 -8.45
CA VAL E 22 34.35 3.92 -8.92
C VAL E 22 34.35 4.01 -10.44
N GLU E 23 35.06 3.08 -11.06
CA GLU E 23 35.28 3.10 -12.50
C GLU E 23 34.07 2.87 -13.41
N LEU E 24 33.18 1.97 -13.01
CA LEU E 24 32.05 1.58 -13.85
C LEU E 24 31.06 2.71 -14.07
N GLY F 1 23.13 2.35 15.79
CA GLY F 1 24.20 1.40 15.58
C GLY F 1 24.60 1.33 14.14
N PRO F 2 25.91 1.24 13.86
CA PRO F 2 26.42 1.11 12.49
C PRO F 2 26.10 -0.23 11.84
N MET F 3 26.18 -1.30 12.62
CA MET F 3 25.91 -2.65 12.13
C MET F 3 24.45 -2.76 11.76
N GLU F 4 23.63 -2.07 12.54
CA GLU F 4 22.20 -1.98 12.30
C GLU F 4 21.92 -1.35 10.97
N GLU F 5 22.65 -0.29 10.68
CA GLU F 5 22.52 0.44 9.42
C GLU F 5 22.92 -0.47 8.28
N GLN F 6 23.94 -1.27 8.52
CA GLN F 6 24.40 -2.21 7.53
C GLN F 6 23.33 -3.23 7.18
N ARG F 7 22.68 -3.75 8.21
CA ARG F 7 21.61 -4.73 7.98
C ARG F 7 20.46 -4.09 7.21
N GLU F 8 20.10 -2.87 7.60
CA GLU F 8 18.99 -2.21 6.94
C GLU F 8 19.23 -2.01 5.46
N ILE F 9 20.40 -1.53 5.12
CA ILE F 9 20.70 -1.29 3.72
C ILE F 9 20.79 -2.60 2.93
N LEU F 10 21.38 -3.64 3.51
CA LEU F 10 21.46 -4.91 2.79
C LEU F 10 20.04 -5.41 2.47
N GLU F 11 19.15 -5.25 3.43
CA GLU F 11 17.76 -5.66 3.24
C GLU F 11 17.15 -4.89 2.08
N GLN F 12 17.42 -3.59 2.05
CA GLN F 12 16.88 -2.74 1.01
C GLN F 12 17.32 -3.21 -0.37
N LEU F 13 18.55 -3.67 -0.44
CA LEU F 13 19.04 -4.14 -1.72
C LEU F 13 18.31 -5.40 -2.10
N LYS F 14 17.98 -6.24 -1.11
CA LYS F 14 17.24 -7.46 -1.44
C LYS F 14 15.90 -7.15 -2.08
N LYS F 15 15.17 -6.21 -1.48
CA LYS F 15 13.91 -5.82 -2.09
C LYS F 15 14.06 -5.34 -3.53
N THR F 16 15.01 -4.43 -3.76
CA THR F 16 15.18 -3.92 -5.11
C THR F 16 15.57 -5.06 -6.05
N LEU F 17 16.32 -6.03 -5.54
CA LEU F 17 16.76 -7.15 -6.36
C LEU F 17 15.61 -7.97 -6.83
N GLN F 18 14.67 -8.21 -5.92
CA GLN F 18 13.50 -8.99 -6.27
C GLN F 18 12.68 -8.30 -7.33
N MET F 19 12.38 -7.03 -7.10
CA MET F 19 11.60 -6.28 -8.07
C MET F 19 12.28 -6.29 -9.42
N LEU F 20 13.59 -6.13 -9.40
CA LEU F 20 14.32 -6.08 -10.65
C LEU F 20 14.31 -7.42 -11.36
N THR F 21 14.36 -8.52 -10.62
CA THR F 21 14.36 -9.82 -11.25
C THR F 21 13.02 -10.03 -11.93
N VAL F 22 11.97 -9.55 -11.28
CA VAL F 22 10.64 -9.62 -11.87
C VAL F 22 10.49 -8.78 -13.12
N GLU F 23 10.98 -7.54 -13.09
CA GLU F 23 10.77 -6.65 -14.22
C GLU F 23 11.43 -7.20 -15.47
N LEU F 24 12.55 -7.88 -15.28
CA LEU F 24 13.29 -8.44 -16.40
C LEU F 24 12.61 -9.73 -16.85
N GLY G 1 46.59 0.49 21.52
CA GLY G 1 46.40 1.60 22.44
C GLY G 1 45.46 2.63 21.84
N PRO G 2 45.74 3.91 22.08
CA PRO G 2 44.88 4.95 21.48
C PRO G 2 44.99 4.93 19.98
N MET G 3 46.16 4.53 19.48
CA MET G 3 46.39 4.42 18.05
C MET G 3 45.54 3.31 17.44
N GLU G 4 45.48 2.17 18.11
CA GLU G 4 44.66 1.06 17.65
C GLU G 4 43.19 1.44 17.66
N GLU G 5 42.79 2.21 18.67
CA GLU G 5 41.43 2.71 18.76
C GLU G 5 41.13 3.64 17.60
N GLN G 6 42.10 4.48 17.26
CA GLN G 6 41.93 5.41 16.14
C GLN G 6 41.82 4.65 14.82
N ARG G 7 42.55 3.55 14.71
CA ARG G 7 42.44 2.67 13.55
C ARG G 7 41.04 2.05 13.46
N GLU G 8 40.51 1.63 14.62
CA GLU G 8 39.18 1.06 14.70
C GLU G 8 38.13 2.06 14.26
N ILE G 9 38.31 3.30 14.72
CA ILE G 9 37.45 4.40 14.35
C ILE G 9 37.54 4.63 12.87
N LEU G 10 38.74 4.50 12.32
CA LEU G 10 38.89 4.64 10.88
C LEU G 10 38.08 3.61 10.13
N GLU G 11 38.15 2.36 10.57
CA GLU G 11 37.38 1.30 9.90
C GLU G 11 35.91 1.64 9.88
N GLN G 12 35.40 1.96 11.07
CA GLN G 12 33.99 2.24 11.24
C GLN G 12 33.54 3.44 10.41
N LEU G 13 34.38 4.45 10.39
CA LEU G 13 34.07 5.65 9.65
C LEU G 13 34.07 5.36 8.16
N LYS G 14 34.95 4.46 7.75
CA LYS G 14 35.03 4.09 6.34
C LYS G 14 33.73 3.43 5.88
N LYS G 15 33.28 2.44 6.63
CA LYS G 15 32.05 1.76 6.25
C LYS G 15 30.90 2.72 6.18
N THR G 16 30.70 3.50 7.25
CA THR G 16 29.59 4.44 7.27
C THR G 16 29.62 5.37 6.08
N LEU G 17 30.83 5.75 5.71
CA LEU G 17 30.99 6.64 4.59
C LEU G 17 30.55 5.97 3.28
N GLN G 18 30.91 4.71 3.12
CA GLN G 18 30.55 3.97 1.92
C GLN G 18 29.04 3.77 1.80
N MET G 19 28.44 3.36 2.91
CA MET G 19 27.00 3.12 2.97
C MET G 19 26.25 4.40 2.67
N LEU G 20 26.83 5.52 3.06
CA LEU G 20 26.19 6.78 2.76
C LEU G 20 26.18 6.95 1.26
N THR G 21 27.23 6.49 0.59
CA THR G 21 27.31 6.62 -0.85
C THR G 21 26.26 5.77 -1.51
N VAL G 22 25.93 4.63 -0.89
CA VAL G 22 24.84 3.82 -1.43
C VAL G 22 23.53 4.54 -1.35
N GLU G 23 23.20 5.09 -0.19
CA GLU G 23 21.92 5.80 -0.05
C GLU G 23 21.82 7.01 -0.95
N LEU G 24 22.93 7.56 -1.36
CA LEU G 24 22.92 8.71 -2.25
C LEU G 24 22.41 8.39 -3.66
N GLY H 1 52.01 -1.90 -9.66
CA GLY H 1 50.78 -2.30 -10.32
C GLY H 1 49.54 -1.60 -9.79
N PRO H 2 49.06 -2.01 -8.61
CA PRO H 2 47.84 -1.47 -8.02
C PRO H 2 47.93 0.02 -7.72
N MET H 3 49.06 0.42 -7.16
CA MET H 3 49.28 1.81 -6.78
C MET H 3 49.10 2.71 -7.99
N GLU H 4 49.56 2.26 -9.15
CA GLU H 4 49.53 3.09 -10.33
C GLU H 4 48.09 3.27 -10.78
N GLU H 5 47.27 2.23 -10.68
CA GLU H 5 45.90 2.34 -11.18
C GLU H 5 45.11 3.24 -10.24
N GLN H 6 45.45 3.14 -8.96
CA GLN H 6 44.89 4.04 -7.97
C GLN H 6 45.21 5.49 -8.31
N ARG H 7 46.45 5.71 -8.73
CA ARG H 7 46.86 7.05 -9.15
C ARG H 7 46.04 7.47 -10.36
N GLU H 8 45.87 6.52 -11.29
CA GLU H 8 45.15 6.78 -12.53
C GLU H 8 43.78 7.34 -12.23
N ILE H 9 43.01 6.60 -11.43
CA ILE H 9 41.67 7.05 -11.08
C ILE H 9 41.72 8.39 -10.34
N LEU H 10 42.64 8.48 -9.39
CA LEU H 10 42.77 9.68 -8.57
C LEU H 10 43.01 10.92 -9.42
N GLU H 11 43.69 10.74 -10.55
CA GLU H 11 43.91 11.84 -11.48
C GLU H 11 42.67 12.09 -12.30
N GLN H 12 42.07 10.99 -12.75
CA GLN H 12 40.87 11.00 -13.57
C GLN H 12 39.82 11.93 -13.00
N LEU H 13 39.61 11.81 -11.69
CA LEU H 13 38.68 12.70 -10.99
C LEU H 13 39.10 14.15 -11.03
N LYS H 14 40.41 14.38 -10.99
CA LYS H 14 40.91 15.73 -11.03
C LYS H 14 40.52 16.35 -12.36
N LYS H 15 40.79 15.62 -13.44
CA LYS H 15 40.43 16.10 -14.77
C LYS H 15 38.93 16.40 -14.83
N THR H 16 38.14 15.37 -14.54
CA THR H 16 36.68 15.46 -14.56
C THR H 16 36.16 16.66 -13.77
N LEU H 17 36.83 16.94 -12.66
CA LEU H 17 36.43 18.02 -11.79
C LEU H 17 36.84 19.37 -12.37
N GLN H 18 38.00 19.43 -13.00
CA GLN H 18 38.40 20.67 -13.64
C GLN H 18 37.30 21.03 -14.62
N MET H 19 36.99 20.07 -15.48
CA MET H 19 35.91 20.22 -16.45
C MET H 19 34.59 20.61 -15.79
N LEU H 20 34.29 19.98 -14.67
CA LEU H 20 33.01 20.20 -14.00
C LEU H 20 32.90 21.62 -13.45
N THR H 21 33.94 22.05 -12.76
CA THR H 21 34.01 23.41 -12.23
C THR H 21 33.85 24.39 -13.36
N VAL H 22 34.43 24.06 -14.50
CA VAL H 22 34.24 24.84 -15.71
C VAL H 22 32.75 24.94 -16.04
N GLU H 23 32.09 23.78 -16.09
CA GLU H 23 30.71 23.69 -16.56
C GLU H 23 29.69 24.31 -15.61
N LEU H 24 30.16 24.84 -14.49
CA LEU H 24 29.27 25.38 -13.48
C LEU H 24 29.49 26.87 -13.24
N GLY I 1 -35.26 -21.65 -5.90
CA GLY I 1 -36.27 -21.41 -6.93
C GLY I 1 -36.26 -19.99 -7.45
N PRO I 2 -36.29 -19.81 -8.77
CA PRO I 2 -36.30 -18.48 -9.40
C PRO I 2 -37.59 -17.67 -9.21
N MET I 3 -38.74 -18.31 -9.31
CA MET I 3 -40.01 -17.60 -9.24
C MET I 3 -40.25 -16.94 -7.88
N GLU I 4 -39.84 -17.62 -6.83
CA GLU I 4 -39.97 -17.10 -5.47
C GLU I 4 -38.92 -16.01 -5.27
N GLU I 5 -37.78 -16.25 -5.90
CA GLU I 5 -36.65 -15.34 -5.85
C GLU I 5 -37.04 -13.98 -6.39
N GLN I 6 -37.90 -13.96 -7.39
CA GLN I 6 -38.36 -12.68 -7.93
C GLN I 6 -39.04 -11.83 -6.86
N ARG I 7 -39.87 -12.48 -6.05
CA ARG I 7 -40.56 -11.80 -4.95
C ARG I 7 -39.55 -11.30 -3.93
N GLU I 8 -38.57 -12.17 -3.64
CA GLU I 8 -37.53 -11.80 -2.68
C GLU I 8 -36.81 -10.55 -3.15
N ILE I 9 -36.54 -10.52 -4.45
CA ILE I 9 -35.85 -9.40 -5.07
C ILE I 9 -36.66 -8.13 -4.93
N LEU I 10 -37.97 -8.25 -5.15
CA LEU I 10 -38.82 -7.08 -5.04
C LEU I 10 -38.74 -6.54 -3.63
N GLU I 11 -38.73 -7.43 -2.65
CA GLU I 11 -38.65 -7.00 -1.26
C GLU I 11 -37.34 -6.27 -0.93
N GLN I 12 -36.24 -6.85 -1.38
CA GLN I 12 -34.92 -6.29 -1.10
C GLN I 12 -34.76 -4.90 -1.67
N LEU I 13 -35.33 -4.67 -2.84
CA LEU I 13 -35.19 -3.35 -3.44
C LEU I 13 -35.92 -2.30 -2.62
N LYS I 14 -37.03 -2.71 -2.02
CA LYS I 14 -37.78 -1.80 -1.17
C LYS I 14 -36.95 -1.46 0.06
N LYS I 15 -36.42 -2.50 0.69
CA LYS I 15 -35.56 -2.30 1.86
C LYS I 15 -34.46 -1.31 1.55
N THR I 16 -33.82 -1.52 0.41
CA THR I 16 -32.73 -0.68 -0.02
C THR I 16 -33.20 0.76 -0.17
N LEU I 17 -34.41 0.94 -0.68
CA LEU I 17 -34.89 2.30 -0.85
C LEU I 17 -35.20 3.01 0.45
N GLN I 18 -35.84 2.31 1.38
CA GLN I 18 -36.16 2.91 2.68
C GLN I 18 -34.89 3.27 3.42
N MET I 19 -33.96 2.32 3.41
CA MET I 19 -32.66 2.50 4.01
C MET I 19 -31.94 3.69 3.43
N LEU I 20 -32.07 3.82 2.12
CA LEU I 20 -31.47 4.92 1.40
C LEU I 20 -32.07 6.23 1.86
N THR I 21 -33.38 6.22 2.11
CA THR I 21 -34.05 7.42 2.56
C THR I 21 -33.59 7.79 3.96
N VAL I 22 -33.30 6.75 4.75
CA VAL I 22 -32.80 6.97 6.10
C VAL I 22 -31.45 7.64 6.13
N GLU I 23 -30.50 7.11 5.37
CA GLU I 23 -29.16 7.67 5.38
C GLU I 23 -29.14 9.08 4.82
N LEU I 24 -30.03 9.32 3.88
CA LEU I 24 -30.05 10.60 3.22
C LEU I 24 -31.04 11.54 3.90
N GLY J 1 26.10 -7.10 -20.56
CA GLY J 1 27.04 -6.09 -21.00
C GLY J 1 27.22 -4.99 -19.97
N PRO J 2 28.40 -4.95 -19.34
CA PRO J 2 28.71 -3.97 -18.29
C PRO J 2 28.76 -2.53 -18.81
N MET J 3 29.95 -2.00 -19.03
CA MET J 3 30.08 -0.57 -19.33
C MET J 3 29.94 -0.24 -20.81
N GLU J 4 30.30 -1.20 -21.68
CA GLU J 4 30.28 -0.99 -23.12
C GLU J 4 28.88 -0.63 -23.62
N GLU J 5 27.90 -1.26 -22.98
CA GLU J 5 26.51 -1.05 -23.31
C GLU J 5 26.14 0.43 -23.28
N GLN J 6 26.76 1.18 -22.38
CA GLN J 6 26.47 2.60 -22.26
C GLN J 6 26.83 3.34 -23.54
N ARG J 7 27.99 3.02 -24.09
CA ARG J 7 28.44 3.60 -25.36
C ARG J 7 27.45 3.23 -26.48
N GLU J 8 27.19 1.93 -26.58
CA GLU J 8 26.23 1.45 -27.58
C GLU J 8 24.91 2.23 -27.50
N ILE J 9 24.46 2.47 -26.27
CA ILE J 9 23.21 3.16 -26.01
C ILE J 9 23.24 4.59 -26.52
N LEU J 10 24.35 5.27 -26.26
CA LEU J 10 24.50 6.63 -26.77
C LEU J 10 24.33 6.63 -28.29
N GLU J 11 25.01 5.70 -28.95
CA GLU J 11 24.87 5.57 -30.40
C GLU J 11 23.42 5.42 -30.80
N GLN J 12 22.75 4.42 -30.20
CA GLN J 12 21.34 4.16 -30.45
C GLN J 12 20.48 5.40 -30.38
N LEU J 13 20.56 6.11 -29.26
CA LEU J 13 19.72 7.29 -29.06
C LEU J 13 20.02 8.36 -30.08
N LYS J 14 21.28 8.45 -30.51
CA LYS J 14 21.62 9.43 -31.54
C LYS J 14 20.99 9.06 -32.88
N LYS J 15 21.09 7.78 -33.22
CA LYS J 15 20.45 7.26 -34.41
C LYS J 15 18.99 7.64 -34.38
N THR J 16 18.29 7.13 -33.37
CA THR J 16 16.88 7.39 -33.19
C THR J 16 16.50 8.86 -33.33
N LEU J 17 17.24 9.76 -32.70
CA LEU J 17 16.93 11.16 -32.89
C LEU J 17 17.02 11.50 -34.38
N GLN J 18 18.12 11.08 -34.99
CA GLN J 18 18.36 11.38 -36.39
C GLN J 18 17.19 10.94 -37.27
N MET J 19 16.71 9.74 -37.03
CA MET J 19 15.63 9.16 -37.82
C MET J 19 14.31 9.87 -37.52
N LEU J 20 14.17 10.27 -36.28
CA LEU J 20 12.99 10.96 -35.85
C LEU J 20 12.87 12.27 -36.60
N THR J 21 14.02 12.83 -36.96
CA THR J 21 14.02 14.02 -37.81
C THR J 21 13.27 13.78 -39.10
N VAL J 22 13.60 12.67 -39.76
CA VAL J 22 12.87 12.26 -40.95
C VAL J 22 11.40 12.10 -40.67
N GLU J 23 11.08 11.38 -39.61
CA GLU J 23 9.69 11.07 -39.28
C GLU J 23 8.82 12.32 -39.17
N LEU J 24 9.43 13.44 -38.79
CA LEU J 24 8.70 14.69 -38.62
C LEU J 24 8.05 15.15 -39.91
N GLY K 1 -39.68 11.40 -31.65
CA GLY K 1 -40.51 10.34 -31.09
C GLY K 1 -39.86 9.66 -29.90
N PRO K 2 -40.49 8.59 -29.40
CA PRO K 2 -39.99 7.80 -28.27
C PRO K 2 -38.69 7.11 -28.63
N MET K 3 -38.66 6.63 -29.86
CA MET K 3 -37.50 5.95 -30.39
C MET K 3 -36.38 6.96 -30.42
N GLU K 4 -36.71 8.17 -30.83
CA GLU K 4 -35.72 9.24 -30.92
C GLU K 4 -35.20 9.56 -29.55
N GLU K 5 -36.07 9.52 -28.56
CA GLU K 5 -35.67 9.81 -27.20
C GLU K 5 -34.65 8.81 -26.72
N GLN K 6 -34.94 7.54 -26.92
CA GLN K 6 -34.04 6.48 -26.49
C GLN K 6 -32.72 6.52 -27.22
N ARG K 7 -32.75 6.91 -28.49
CA ARG K 7 -31.53 7.09 -29.26
C ARG K 7 -30.71 8.23 -28.69
N GLU K 8 -31.41 9.30 -28.33
CA GLU K 8 -30.80 10.50 -27.78
C GLU K 8 -30.10 10.14 -26.48
N ILE K 9 -30.79 9.34 -25.68
CA ILE K 9 -30.28 8.85 -24.41
C ILE K 9 -29.07 7.96 -24.61
N LEU K 10 -29.11 7.06 -25.59
CA LEU K 10 -27.93 6.24 -25.82
C LEU K 10 -26.77 7.13 -26.22
N GLU K 11 -27.04 8.20 -26.96
CA GLU K 11 -25.95 9.06 -27.39
C GLU K 11 -25.30 9.76 -26.20
N GLN K 12 -26.14 10.27 -25.30
CA GLN K 12 -25.64 10.95 -24.12
C GLN K 12 -24.91 10.00 -23.19
N LEU K 13 -25.43 8.79 -23.07
CA LEU K 13 -24.80 7.79 -22.23
C LEU K 13 -23.47 7.38 -22.84
N LYS K 14 -23.41 7.37 -24.17
CA LYS K 14 -22.18 7.07 -24.88
C LYS K 14 -21.13 8.11 -24.59
N LYS K 15 -21.51 9.38 -24.70
CA LYS K 15 -20.59 10.48 -24.44
C LYS K 15 -20.10 10.44 -23.01
N THR K 16 -21.02 10.27 -22.08
CA THR K 16 -20.66 10.20 -20.67
C THR K 16 -19.66 9.07 -20.47
N LEU K 17 -19.89 7.92 -21.10
CA LEU K 17 -18.94 6.82 -20.99
C LEU K 17 -17.61 7.19 -21.60
N GLN K 18 -17.64 7.97 -22.65
CA GLN K 18 -16.42 8.37 -23.33
C GLN K 18 -15.50 9.25 -22.48
N MET K 19 -16.10 10.24 -21.81
CA MET K 19 -15.33 11.17 -20.98
C MET K 19 -14.57 10.48 -19.86
N LEU K 20 -15.15 9.44 -19.28
CA LEU K 20 -14.45 8.71 -18.24
C LEU K 20 -13.29 7.91 -18.80
N THR K 21 -13.49 7.36 -20.00
CA THR K 21 -12.52 6.49 -20.67
C THR K 21 -11.28 7.14 -21.37
N VAL K 22 -11.25 8.46 -21.55
CA VAL K 22 -10.08 9.06 -22.22
C VAL K 22 -8.80 8.72 -21.46
N GLU K 23 -8.29 7.53 -21.76
CA GLU K 23 -7.19 6.95 -21.01
C GLU K 23 -5.83 7.54 -21.41
N LEU K 24 -5.68 7.82 -22.70
CA LEU K 24 -4.50 8.53 -23.19
C LEU K 24 -4.87 9.33 -24.42
N GLY L 1 15.47 29.83 -7.03
CA GLY L 1 16.44 28.75 -7.04
C GLY L 1 16.01 27.58 -7.90
N PRO L 2 16.92 26.63 -8.12
CA PRO L 2 16.63 25.44 -8.93
C PRO L 2 15.57 24.55 -8.29
N MET L 3 15.69 24.31 -6.99
CA MET L 3 14.75 23.46 -6.28
C MET L 3 13.38 24.08 -6.25
N GLU L 4 13.31 25.40 -6.22
CA GLU L 4 12.02 26.06 -6.26
C GLU L 4 11.31 25.76 -7.57
N GLU L 5 12.11 25.80 -8.64
CA GLU L 5 11.65 25.51 -9.99
C GLU L 5 11.18 24.07 -10.09
N GLN L 6 11.97 23.16 -9.52
CA GLN L 6 11.66 21.74 -9.55
C GLN L 6 10.39 21.46 -8.76
N ARG L 7 10.20 22.17 -7.66
CA ARG L 7 8.97 21.99 -6.90
C ARG L 7 7.81 22.41 -7.78
N GLU L 8 7.95 23.52 -8.49
CA GLU L 8 6.87 23.96 -9.37
C GLU L 8 6.60 22.98 -10.52
N ILE L 9 7.64 22.39 -11.12
CA ILE L 9 7.37 21.41 -12.18
C ILE L 9 6.75 20.12 -11.63
N LEU L 10 7.24 19.59 -10.51
CA LEU L 10 6.66 18.36 -9.96
C LEU L 10 5.21 18.56 -9.58
N GLU L 11 4.81 19.75 -9.15
CA GLU L 11 3.40 19.91 -8.86
C GLU L 11 2.60 19.74 -10.13
N GLN L 12 3.14 20.26 -11.24
CA GLN L 12 2.51 20.11 -12.53
C GLN L 12 2.43 18.67 -12.99
N LEU L 13 3.50 17.91 -12.82
CA LEU L 13 3.45 16.51 -13.17
C LEU L 13 2.41 15.78 -12.35
N LYS L 14 2.30 16.12 -11.08
CA LYS L 14 1.27 15.49 -10.28
C LYS L 14 -0.09 15.81 -10.85
N LYS L 15 -0.31 17.08 -11.16
CA LYS L 15 -1.61 17.50 -11.65
C LYS L 15 -1.97 16.82 -12.92
N THR L 16 -1.03 16.73 -13.85
CA THR L 16 -1.31 16.04 -15.08
C THR L 16 -1.58 14.57 -14.88
N LEU L 17 -0.81 13.91 -14.03
CA LEU L 17 -1.06 12.49 -13.86
C LEU L 17 -2.43 12.26 -13.24
N GLN L 18 -2.81 13.03 -12.23
CA GLN L 18 -4.14 12.86 -11.63
C GLN L 18 -5.25 13.22 -12.62
N MET L 19 -5.00 14.25 -13.41
CA MET L 19 -5.91 14.73 -14.46
C MET L 19 -6.18 13.60 -15.43
N LEU L 20 -5.16 12.80 -15.69
CA LEU L 20 -5.29 11.58 -16.47
C LEU L 20 -6.11 10.50 -15.77
N THR L 21 -6.00 10.38 -14.46
CA THR L 21 -6.76 9.37 -13.72
C THR L 21 -7.92 10.00 -12.95
N VAL L 22 -8.68 10.79 -13.66
CA VAL L 22 -9.87 11.44 -13.13
C VAL L 22 -10.91 10.38 -12.76
N GLU L 23 -10.91 9.26 -13.47
CA GLU L 23 -11.92 8.23 -13.27
C GLU L 23 -11.98 7.73 -11.83
N LEU L 24 -13.18 7.31 -11.42
CA LEU L 24 -13.46 6.94 -10.05
C LEU L 24 -14.79 6.21 -9.93
N GLY M 1 -7.83 -5.86 -32.63
CA GLY M 1 -7.41 -7.06 -31.95
C GLY M 1 -7.70 -7.03 -30.46
N PRO M 2 -8.78 -7.69 -30.05
CA PRO M 2 -9.16 -7.75 -28.64
C PRO M 2 -8.08 -8.39 -27.77
N MET M 3 -7.64 -9.58 -28.17
CA MET M 3 -6.58 -10.31 -27.49
C MET M 3 -5.37 -9.41 -27.25
N GLU M 4 -5.07 -8.62 -28.27
CA GLU M 4 -3.98 -7.67 -28.21
C GLU M 4 -4.18 -6.67 -27.07
N GLU M 5 -5.31 -5.99 -27.08
CA GLU M 5 -5.62 -4.99 -26.05
C GLU M 5 -5.53 -5.60 -24.67
N GLN M 6 -5.98 -6.84 -24.56
CA GLN M 6 -5.93 -7.57 -23.30
C GLN M 6 -4.50 -7.72 -22.80
N ARG M 7 -3.66 -8.28 -23.65
CA ARG M 7 -2.26 -8.50 -23.28
C ARG M 7 -1.57 -7.16 -23.01
N GLU M 8 -2.05 -6.12 -23.68
CA GLU M 8 -1.50 -4.78 -23.53
C GLU M 8 -1.78 -4.23 -22.14
N ILE M 9 -3.05 -4.19 -21.77
CA ILE M 9 -3.44 -3.73 -20.45
C ILE M 9 -2.75 -4.57 -19.40
N LEU M 10 -2.54 -5.85 -19.72
CA LEU M 10 -1.75 -6.70 -18.85
C LEU M 10 -0.34 -6.18 -18.67
N GLU M 11 0.28 -5.75 -19.77
CA GLU M 11 1.64 -5.22 -19.73
C GLU M 11 1.73 -3.96 -18.87
N GLN M 12 0.92 -2.97 -19.20
CA GLN M 12 0.89 -1.72 -18.43
C GLN M 12 0.63 -1.98 -16.95
N LEU M 13 -0.25 -2.94 -16.66
CA LEU M 13 -0.51 -3.35 -15.30
C LEU M 13 0.75 -3.88 -14.64
N LYS M 14 1.43 -4.76 -15.37
CA LYS M 14 2.71 -5.31 -14.91
C LYS M 14 3.73 -4.20 -14.68
N LYS M 15 3.50 -3.05 -15.31
CA LYS M 15 4.38 -1.91 -15.14
C LYS M 15 4.01 -1.05 -13.93
N THR M 16 2.72 -0.94 -13.61
CA THR M 16 2.32 -0.16 -12.43
C THR M 16 2.42 -1.03 -11.18
N LEU M 17 2.66 -2.32 -11.40
CA LEU M 17 2.94 -3.23 -10.31
C LEU M 17 4.34 -2.97 -9.76
N GLN M 18 5.28 -2.76 -10.67
CA GLN M 18 6.65 -2.45 -10.28
C GLN M 18 6.69 -1.10 -9.55
N MET M 19 5.80 -0.19 -9.92
CA MET M 19 5.72 1.11 -9.28
C MET M 19 5.18 1.01 -7.85
N LEU M 20 4.51 -0.11 -7.57
CA LEU M 20 4.01 -0.38 -6.22
C LEU M 20 5.13 -0.90 -5.31
N GLY N 1 0.38 -12.88 9.17
CA GLY N 1 -0.55 -14.00 9.35
C GLY N 1 -1.54 -13.78 10.48
N PRO N 2 -2.84 -13.79 10.14
CA PRO N 2 -3.97 -13.74 11.07
C PRO N 2 -4.11 -15.00 11.92
N MET N 3 -3.70 -16.12 11.35
CA MET N 3 -3.65 -17.40 12.06
C MET N 3 -2.89 -17.29 13.38
N GLU N 4 -2.10 -16.23 13.52
CA GLU N 4 -1.28 -16.01 14.69
C GLU N 4 -1.69 -14.74 15.42
N GLU N 5 -2.17 -13.75 14.67
CA GLU N 5 -2.69 -12.53 15.29
C GLU N 5 -3.87 -12.87 16.18
N GLN N 6 -4.84 -13.57 15.61
CA GLN N 6 -5.99 -14.02 16.37
C GLN N 6 -5.52 -14.80 17.60
N ARG N 7 -4.49 -15.61 17.43
CA ARG N 7 -3.98 -16.42 18.54
C ARG N 7 -3.44 -15.55 19.67
N GLU N 8 -2.65 -14.56 19.31
CA GLU N 8 -1.99 -13.74 20.32
C GLU N 8 -3.02 -12.89 21.04
N ILE N 9 -4.02 -12.41 20.31
CA ILE N 9 -5.02 -11.56 20.92
C ILE N 9 -5.99 -12.40 21.77
N LEU N 10 -6.18 -13.65 21.38
CA LEU N 10 -6.95 -14.62 22.15
C LEU N 10 -6.27 -14.92 23.49
N GLU N 11 -4.95 -15.03 23.47
CA GLU N 11 -4.20 -15.21 24.71
C GLU N 11 -4.16 -13.92 25.50
N GLN N 12 -4.35 -12.79 24.82
CA GLN N 12 -4.40 -11.51 25.49
C GLN N 12 -5.68 -11.40 26.33
N LEU N 13 -6.80 -11.72 25.71
CA LEU N 13 -8.07 -11.83 26.42
C LEU N 13 -7.90 -12.78 27.58
N LYS N 14 -7.45 -14.01 27.35
CA LYS N 14 -7.31 -14.94 28.46
C LYS N 14 -6.46 -14.37 29.60
N LYS N 15 -5.46 -13.56 29.28
CA LYS N 15 -4.77 -12.85 30.34
C LYS N 15 -5.77 -12.01 31.14
N THR N 16 -6.32 -10.99 30.52
CA THR N 16 -7.21 -10.06 31.22
C THR N 16 -8.36 -10.77 31.95
N LEU N 17 -8.83 -11.88 31.42
CA LEU N 17 -9.88 -12.64 32.08
C LEU N 17 -9.32 -13.32 33.32
N GLN N 18 -8.09 -13.82 33.22
CA GLN N 18 -7.45 -14.37 34.41
C GLN N 18 -7.32 -13.29 35.50
N MET N 19 -6.96 -12.08 35.10
CA MET N 19 -6.83 -10.98 36.05
C MET N 19 -8.16 -10.58 36.69
N LEU N 20 -9.23 -10.57 35.89
CA LEU N 20 -10.54 -10.20 36.42
C LEU N 20 -11.20 -11.30 37.25
N THR N 21 -10.80 -12.54 37.05
CA THR N 21 -11.22 -13.60 37.96
C THR N 21 -10.45 -13.46 39.26
N VAL N 22 -9.17 -13.09 39.18
CA VAL N 22 -8.40 -12.81 40.38
C VAL N 22 -9.07 -11.72 41.21
N GLU N 23 -9.40 -10.61 40.56
CA GLU N 23 -9.97 -9.46 41.25
C GLU N 23 -11.31 -9.74 41.93
N LEU N 24 -12.09 -10.66 41.39
CA LEU N 24 -13.32 -11.06 42.05
C LEU N 24 -13.03 -12.21 43.01
N PRO O 2 -29.36 -11.29 51.83
CA PRO O 2 -29.41 -11.07 50.37
C PRO O 2 -28.02 -11.00 49.78
N MET O 3 -27.16 -10.16 50.34
CA MET O 3 -25.77 -10.08 49.91
C MET O 3 -25.09 -11.42 50.10
N GLU O 4 -25.66 -12.27 50.95
CA GLU O 4 -25.14 -13.63 51.13
C GLU O 4 -25.44 -14.49 49.90
N GLU O 5 -26.67 -14.39 49.41
CA GLU O 5 -27.08 -15.11 48.21
C GLU O 5 -26.30 -14.64 46.99
N GLN O 6 -26.18 -13.32 46.84
CA GLN O 6 -25.42 -12.73 45.76
C GLN O 6 -23.96 -13.18 45.83
N ARG O 7 -23.40 -13.16 47.03
CA ARG O 7 -22.02 -13.62 47.22
C ARG O 7 -21.88 -15.09 46.82
N GLU O 8 -22.90 -15.87 47.10
CA GLU O 8 -22.93 -17.26 46.65
C GLU O 8 -22.87 -17.31 45.13
N ILE O 9 -23.70 -16.49 44.50
CA ILE O 9 -23.73 -16.38 43.05
C ILE O 9 -22.34 -16.07 42.49
N LEU O 10 -21.71 -15.04 43.02
CA LEU O 10 -20.37 -14.65 42.59
C LEU O 10 -19.36 -15.76 42.87
N GLU O 11 -19.62 -16.57 43.89
CA GLU O 11 -18.74 -17.70 44.16
C GLU O 11 -18.82 -18.70 43.00
N GLN O 12 -20.04 -19.09 42.68
CA GLN O 12 -20.30 -19.97 41.54
C GLN O 12 -19.67 -19.42 40.26
N LEU O 13 -19.90 -18.14 40.02
CA LEU O 13 -19.37 -17.43 38.87
C LEU O 13 -17.85 -17.51 38.80
N LYS O 14 -17.16 -17.06 39.85
CA LYS O 14 -15.70 -17.08 39.88
C LYS O 14 -15.16 -18.49 39.66
N LYS O 15 -15.85 -19.48 40.19
CA LYS O 15 -15.46 -20.87 39.94
C LYS O 15 -15.56 -21.21 38.45
N THR O 16 -16.70 -20.85 37.87
CA THR O 16 -16.95 -21.10 36.45
C THR O 16 -15.85 -20.47 35.62
N LEU O 17 -15.57 -19.19 35.86
CA LEU O 17 -14.51 -18.49 35.16
C LEU O 17 -13.16 -19.14 35.33
N GLN O 18 -12.90 -19.71 36.50
CA GLN O 18 -11.66 -20.45 36.68
C GLN O 18 -11.61 -21.62 35.68
N MET O 19 -12.72 -22.34 35.59
CA MET O 19 -12.79 -23.46 34.63
C MET O 19 -12.60 -22.99 33.18
N LEU O 20 -13.39 -21.99 32.79
CA LEU O 20 -13.33 -21.41 31.45
C LEU O 20 -11.92 -21.00 31.08
N THR O 21 -11.30 -20.17 31.92
CA THR O 21 -9.96 -19.68 31.66
C THR O 21 -8.96 -20.84 31.61
N VAL O 22 -9.17 -21.85 32.44
CA VAL O 22 -8.33 -23.04 32.38
C VAL O 22 -8.41 -23.69 30.99
N GLU O 23 -9.62 -23.79 30.45
CA GLU O 23 -9.84 -24.45 29.17
C GLU O 23 -9.43 -23.61 27.96
N LEU O 24 -9.53 -22.29 28.08
CA LEU O 24 -9.05 -21.40 27.04
C LEU O 24 -7.59 -21.71 26.71
N PRO P 2 -35.84 -14.46 41.19
CA PRO P 2 -36.35 -14.22 39.83
C PRO P 2 -35.24 -14.15 38.79
N MET P 3 -34.54 -13.02 38.74
CA MET P 3 -33.39 -12.85 37.86
C MET P 3 -32.17 -13.54 38.46
N GLU P 4 -32.12 -13.56 39.79
CA GLU P 4 -31.06 -14.25 40.50
C GLU P 4 -31.14 -15.75 40.22
N GLU P 5 -32.38 -16.25 40.15
CA GLU P 5 -32.62 -17.65 39.85
C GLU P 5 -32.22 -17.99 38.42
N GLN P 6 -32.60 -17.12 37.48
CA GLN P 6 -32.21 -17.27 36.09
C GLN P 6 -30.69 -17.29 35.96
N ARG P 7 -30.04 -16.41 36.73
CA ARG P 7 -28.59 -16.34 36.78
C ARG P 7 -28.01 -17.67 37.25
N GLU P 8 -28.56 -18.19 38.34
CA GLU P 8 -28.10 -19.47 38.90
C GLU P 8 -28.21 -20.60 37.87
N ILE P 9 -29.40 -20.73 37.30
CA ILE P 9 -29.66 -21.70 36.23
C ILE P 9 -28.63 -21.55 35.12
N LEU P 10 -28.37 -20.31 34.73
CA LEU P 10 -27.37 -20.01 33.71
C LEU P 10 -26.03 -20.61 34.10
N GLU P 11 -25.56 -20.27 35.29
CA GLU P 11 -24.29 -20.78 35.79
C GLU P 11 -24.21 -22.29 35.70
N GLN P 12 -25.30 -22.97 36.08
CA GLN P 12 -25.37 -24.42 35.97
C GLN P 12 -25.19 -24.85 34.52
N LEU P 13 -25.92 -24.19 33.63
CA LEU P 13 -25.85 -24.46 32.21
C LEU P 13 -24.40 -24.36 31.70
N LYS P 14 -23.82 -23.18 31.80
CA LYS P 14 -22.47 -22.93 31.32
C LYS P 14 -21.46 -23.91 31.92
N LYS P 15 -21.62 -24.22 33.21
CA LYS P 15 -20.75 -25.17 33.85
C LYS P 15 -20.82 -26.50 33.12
N THR P 16 -22.04 -26.96 32.89
CA THR P 16 -22.28 -28.20 32.16
C THR P 16 -21.58 -28.18 30.80
N LEU P 17 -21.90 -27.17 30.00
CA LEU P 17 -21.30 -26.99 28.68
C LEU P 17 -19.79 -27.15 28.75
N GLN P 18 -19.16 -26.38 29.65
CA GLN P 18 -17.72 -26.46 29.85
C GLN P 18 -17.26 -27.89 30.10
N MET P 19 -17.99 -28.62 30.94
CA MET P 19 -17.65 -30.01 31.20
C MET P 19 -17.71 -30.83 29.93
N LEU P 20 -18.75 -30.61 29.12
CA LEU P 20 -18.91 -31.32 27.86
C LEU P 20 -17.71 -31.07 26.97
N THR P 21 -17.20 -29.84 27.01
CA THR P 21 -16.03 -29.49 26.23
C THR P 21 -14.84 -30.28 26.75
N VAL P 22 -14.71 -30.37 28.06
CA VAL P 22 -13.66 -31.18 28.67
C VAL P 22 -13.75 -32.60 28.11
N GLU P 23 -14.97 -33.08 27.91
CA GLU P 23 -15.20 -34.40 27.36
C GLU P 23 -14.68 -34.55 25.93
N LEU P 24 -14.73 -33.47 25.16
CA LEU P 24 -14.37 -33.55 23.75
C LEU P 24 -13.09 -32.80 23.40
N MET Q 3 -18.94 -35.81 14.45
CA MET Q 3 -17.89 -35.50 15.40
C MET Q 3 -17.55 -34.03 15.40
N GLU Q 4 -17.01 -33.53 14.30
CA GLU Q 4 -16.73 -32.12 14.19
C GLU Q 4 -18.01 -31.30 14.23
N GLU Q 5 -19.11 -31.91 13.80
CA GLU Q 5 -20.41 -31.25 13.84
C GLU Q 5 -20.80 -30.97 15.27
N GLN Q 6 -20.60 -31.97 16.12
CA GLN Q 6 -20.87 -31.85 17.54
C GLN Q 6 -20.02 -30.77 18.18
N ARG Q 7 -18.73 -30.75 17.86
CA ARG Q 7 -17.83 -29.75 18.40
C ARG Q 7 -18.23 -28.34 18.00
N GLU Q 8 -18.63 -28.18 16.74
CA GLU Q 8 -19.10 -26.89 16.28
C GLU Q 8 -20.32 -26.45 17.07
N ILE Q 9 -21.30 -27.35 17.19
CA ILE Q 9 -22.52 -27.05 17.93
C ILE Q 9 -22.20 -26.68 19.38
N LEU Q 10 -21.34 -27.48 19.97
CA LEU Q 10 -20.92 -27.36 21.36
C LEU Q 10 -20.35 -25.97 21.65
N GLU Q 11 -19.21 -25.67 21.04
CA GLU Q 11 -18.59 -24.37 21.25
C GLU Q 11 -19.54 -23.24 20.89
N GLN Q 12 -20.45 -23.51 19.96
CA GLN Q 12 -21.49 -22.54 19.66
C GLN Q 12 -22.32 -22.29 20.90
N LEU Q 13 -22.69 -23.37 21.57
CA LEU Q 13 -23.48 -23.28 22.78
C LEU Q 13 -22.74 -22.39 23.76
N LYS Q 14 -21.52 -22.79 24.12
CA LYS Q 14 -20.72 -21.98 25.05
C LYS Q 14 -20.78 -20.50 24.71
N LYS Q 15 -20.44 -20.15 23.47
CA LYS Q 15 -20.41 -18.74 23.12
C LYS Q 15 -21.78 -18.08 23.28
N THR Q 16 -22.85 -18.84 23.05
CA THR Q 16 -24.20 -18.29 23.24
C THR Q 16 -24.48 -18.03 24.73
N LEU Q 17 -24.33 -19.08 25.52
CA LEU Q 17 -24.43 -19.01 26.96
C LEU Q 17 -23.79 -17.71 27.45
N GLN Q 18 -22.53 -17.53 27.11
CA GLN Q 18 -21.78 -16.37 27.62
C GLN Q 18 -22.28 -15.03 27.09
N MET Q 19 -22.77 -15.00 25.86
CA MET Q 19 -23.36 -13.75 25.40
C MET Q 19 -24.54 -13.39 26.29
N LEU Q 20 -25.29 -14.43 26.67
CA LEU Q 20 -26.46 -14.24 27.53
C LEU Q 20 -26.09 -13.79 28.95
N THR Q 21 -25.10 -14.47 29.53
CA THR Q 21 -24.50 -14.00 30.76
C THR Q 21 -24.31 -12.50 30.66
N VAL Q 22 -23.40 -12.09 29.78
CA VAL Q 22 -23.21 -10.67 29.49
C VAL Q 22 -24.51 -9.86 29.48
N GLU Q 23 -25.58 -10.47 28.96
CA GLU Q 23 -26.86 -9.76 28.89
C GLU Q 23 -27.48 -9.56 30.27
N LEU Q 24 -27.02 -10.34 31.25
CA LEU Q 24 -27.60 -10.30 32.60
C LEU Q 24 -26.77 -9.48 33.61
N GLY R 1 -40.88 -25.14 11.56
CA GLY R 1 -40.53 -25.65 12.87
C GLY R 1 -39.98 -24.58 13.79
N PRO R 2 -38.84 -24.86 14.42
CA PRO R 2 -38.16 -23.89 15.30
C PRO R 2 -37.86 -22.59 14.58
N MET R 3 -37.65 -22.71 13.27
CA MET R 3 -37.32 -21.58 12.41
C MET R 3 -38.49 -20.60 12.28
N GLU R 4 -39.62 -20.94 12.88
CA GLU R 4 -40.73 -20.01 12.99
C GLU R 4 -40.58 -19.25 14.31
N GLU R 5 -40.25 -20.00 15.35
CA GLU R 5 -40.00 -19.45 16.67
C GLU R 5 -38.96 -18.35 16.60
N GLN R 6 -37.81 -18.69 16.01
CA GLN R 6 -36.73 -17.73 15.84
C GLN R 6 -37.22 -16.47 15.15
N ARG R 7 -38.09 -16.64 14.17
CA ARG R 7 -38.62 -15.50 13.43
C ARG R 7 -39.46 -14.60 14.32
N GLU R 8 -40.33 -15.22 15.11
CA GLU R 8 -41.16 -14.48 16.05
C GLU R 8 -40.28 -13.64 16.98
N ILE R 9 -39.37 -14.33 17.66
CA ILE R 9 -38.44 -13.68 18.57
C ILE R 9 -37.74 -12.50 17.90
N LEU R 10 -37.15 -12.76 16.74
CA LEU R 10 -36.45 -11.74 15.98
C LEU R 10 -37.37 -10.55 15.67
N GLU R 11 -38.65 -10.83 15.47
CA GLU R 11 -39.60 -9.78 15.21
C GLU R 11 -39.76 -8.91 16.44
N GLN R 12 -39.84 -9.56 17.59
CA GLN R 12 -39.95 -8.82 18.85
C GLN R 12 -38.76 -7.90 19.01
N LEU R 13 -37.57 -8.48 18.84
CA LEU R 13 -36.31 -7.74 18.91
C LEU R 13 -36.35 -6.53 17.99
N LYS R 14 -36.91 -6.74 16.81
CA LYS R 14 -37.02 -5.68 15.81
C LYS R 14 -37.91 -4.53 16.31
N LYS R 15 -39.03 -4.89 16.92
CA LYS R 15 -39.94 -3.89 17.47
C LYS R 15 -39.24 -3.06 18.54
N THR R 16 -38.81 -3.76 19.58
CA THR R 16 -38.04 -3.16 20.66
C THR R 16 -37.02 -2.15 20.16
N LEU R 17 -36.08 -2.69 19.39
CA LEU R 17 -34.96 -1.94 18.85
C LEU R 17 -35.43 -0.76 18.00
N GLN R 18 -36.60 -0.90 17.38
CA GLN R 18 -37.17 0.16 16.60
C GLN R 18 -37.56 1.33 17.49
N MET R 19 -38.18 1.00 18.63
CA MET R 19 -38.59 2.06 19.56
C MET R 19 -37.38 2.76 20.18
N LEU R 20 -36.46 1.95 20.70
CA LEU R 20 -35.22 2.48 21.25
C LEU R 20 -34.59 3.42 20.24
N THR R 21 -34.49 2.96 19.01
CA THR R 21 -33.98 3.78 17.92
C THR R 21 -34.67 5.12 17.88
N VAL R 22 -36.00 5.07 17.82
CA VAL R 22 -36.81 6.26 17.67
C VAL R 22 -36.50 7.30 18.73
N GLU R 23 -36.38 6.87 19.98
CA GLU R 23 -36.19 7.85 21.06
C GLU R 23 -34.85 8.57 20.95
N LEU R 24 -33.86 7.94 20.35
CA LEU R 24 -32.52 8.53 20.22
C LEU R 24 -32.42 9.49 19.03
N GLY S 1 -15.69 20.83 19.30
CA GLY S 1 -15.81 20.51 20.71
C GLY S 1 -16.63 19.26 20.93
N PRO S 2 -16.73 18.81 22.19
CA PRO S 2 -17.43 17.58 22.57
C PRO S 2 -18.91 17.59 22.22
N MET S 3 -19.53 18.77 22.22
CA MET S 3 -20.98 18.86 22.04
C MET S 3 -21.39 18.47 20.61
N GLU S 4 -20.74 19.05 19.61
CA GLU S 4 -21.06 18.78 18.22
C GLU S 4 -20.74 17.33 17.87
N GLU S 5 -19.61 16.87 18.39
CA GLU S 5 -19.17 15.51 18.14
C GLU S 5 -20.17 14.48 18.69
N GLN S 6 -20.50 14.63 19.97
CA GLN S 6 -21.44 13.72 20.62
C GLN S 6 -22.79 13.75 19.92
N ARG S 7 -23.24 14.95 19.58
CA ARG S 7 -24.50 15.10 18.86
C ARG S 7 -24.50 14.33 17.55
N GLU S 8 -23.48 14.58 16.74
CA GLU S 8 -23.34 13.92 15.44
C GLU S 8 -23.28 12.40 15.61
N ILE S 9 -22.61 11.95 16.66
CA ILE S 9 -22.52 10.53 16.95
C ILE S 9 -23.89 9.95 17.24
N LEU S 10 -24.62 10.61 18.12
CA LEU S 10 -25.98 10.19 18.45
C LEU S 10 -26.79 10.07 17.19
N GLU S 11 -26.79 11.11 16.36
CA GLU S 11 -27.57 11.12 15.15
C GLU S 11 -27.20 9.95 14.25
N GLN S 12 -25.91 9.74 14.06
CA GLN S 12 -25.43 8.65 13.22
C GLN S 12 -25.88 7.30 13.77
N LEU S 13 -26.02 7.17 15.08
CA LEU S 13 -26.55 5.92 15.64
C LEU S 13 -28.05 5.84 15.42
N LYS S 14 -28.68 7.00 15.36
CA LYS S 14 -30.11 7.03 15.09
C LYS S 14 -30.35 6.45 13.72
N LYS S 15 -29.83 7.14 12.71
CA LYS S 15 -29.95 6.69 11.32
C LYS S 15 -29.48 5.27 11.14
N THR S 16 -28.25 4.97 11.52
CA THR S 16 -27.73 3.61 11.35
C THR S 16 -28.67 2.59 11.96
N LEU S 17 -29.19 2.87 13.13
CA LEU S 17 -30.12 1.92 13.72
C LEU S 17 -31.38 1.80 12.87
N GLN S 18 -31.85 2.89 12.29
CA GLN S 18 -33.00 2.82 11.40
C GLN S 18 -32.67 1.89 10.25
N MET S 19 -31.50 2.08 9.67
CA MET S 19 -31.01 1.23 8.60
C MET S 19 -30.90 -0.23 9.03
N LEU S 20 -30.71 -0.50 10.31
CA LEU S 20 -30.73 -1.88 10.74
C LEU S 20 -32.17 -2.35 10.76
N THR S 21 -33.02 -1.52 11.36
CA THR S 21 -34.43 -1.80 11.50
C THR S 21 -35.06 -2.20 10.17
N VAL S 22 -34.60 -1.55 9.10
CA VAL S 22 -35.09 -1.84 7.76
C VAL S 22 -34.72 -3.25 7.34
N GLU S 23 -33.42 -3.54 7.31
CA GLU S 23 -32.95 -4.83 6.82
C GLU S 23 -33.47 -6.01 7.62
N LEU S 24 -33.85 -5.75 8.87
CA LEU S 24 -34.41 -6.81 9.70
C LEU S 24 -35.53 -7.56 8.96
N PRO T 2 -21.35 -20.11 -3.79
CA PRO T 2 -20.82 -18.75 -3.89
C PRO T 2 -21.80 -17.72 -3.41
N MET T 3 -22.93 -17.54 -4.09
CA MET T 3 -23.89 -16.53 -3.66
C MET T 3 -24.42 -16.85 -2.28
N GLU T 4 -24.62 -18.14 -2.02
CA GLU T 4 -25.12 -18.53 -0.72
C GLU T 4 -23.98 -18.41 0.29
N GLU T 5 -22.77 -18.80 -0.14
CA GLU T 5 -21.59 -18.71 0.71
C GLU T 5 -21.29 -17.25 0.99
N GLN T 6 -21.62 -16.40 0.02
CA GLN T 6 -21.53 -14.98 0.19
C GLN T 6 -22.47 -14.54 1.29
N ARG T 7 -23.72 -15.00 1.23
CA ARG T 7 -24.68 -14.66 2.27
C ARG T 7 -24.18 -15.10 3.64
N GLU T 8 -23.64 -16.30 3.71
CA GLU T 8 -23.18 -16.84 4.98
C GLU T 8 -22.02 -16.10 5.61
N ILE T 9 -20.97 -15.88 4.83
CA ILE T 9 -19.78 -15.20 5.34
C ILE T 9 -20.16 -13.77 5.65
N LEU T 10 -21.04 -13.20 4.86
CA LEU T 10 -21.50 -11.85 5.12
C LEU T 10 -22.25 -11.75 6.43
N GLU T 11 -23.08 -12.76 6.70
CA GLU T 11 -23.86 -12.77 7.93
C GLU T 11 -23.02 -12.86 9.17
N GLN T 12 -22.11 -13.83 9.19
CA GLN T 12 -21.35 -14.03 10.41
C GLN T 12 -20.54 -12.79 10.73
N LEU T 13 -20.09 -12.09 9.70
CA LEU T 13 -19.40 -10.83 9.92
C LEU T 13 -20.35 -9.84 10.51
N LYS T 14 -21.63 -9.90 10.11
CA LYS T 14 -22.54 -8.95 10.73
C LYS T 14 -22.72 -9.25 12.22
N LYS T 15 -22.87 -10.53 12.58
CA LYS T 15 -22.96 -10.92 13.99
C LYS T 15 -21.75 -10.44 14.79
N THR T 16 -20.58 -10.69 14.20
CA THR T 16 -19.32 -10.34 14.82
C THR T 16 -19.23 -8.84 15.02
N LEU T 17 -19.70 -8.07 14.05
CA LEU T 17 -19.67 -6.62 14.17
C LEU T 17 -20.65 -6.13 15.23
N GLN T 18 -21.81 -6.78 15.31
CA GLN T 18 -22.83 -6.42 16.27
C GLN T 18 -22.33 -6.49 17.70
N MET T 19 -21.69 -7.61 18.02
CA MET T 19 -21.26 -7.80 19.40
C MET T 19 -20.36 -6.67 19.83
N LEU T 20 -19.44 -6.28 18.97
CA LEU T 20 -18.57 -5.18 19.29
C LEU T 20 -19.37 -3.90 19.35
N THR T 21 -20.46 -3.79 18.63
CA THR T 21 -21.23 -2.55 18.76
C THR T 21 -21.76 -2.49 20.17
N VAL T 22 -22.07 -3.65 20.72
CA VAL T 22 -22.49 -3.71 22.12
C VAL T 22 -21.35 -3.20 22.97
N GLU T 23 -20.14 -3.65 22.63
CA GLU T 23 -18.95 -3.30 23.40
C GLU T 23 -18.55 -1.84 23.44
N LEU T 24 -18.75 -1.12 22.35
CA LEU T 24 -18.38 0.28 22.33
C LEU T 24 -19.57 1.14 22.69
N GLY U 1 -12.23 12.97 23.27
CA GLY U 1 -12.94 11.70 23.33
C GLY U 1 -12.48 10.75 22.24
N PRO U 2 -11.33 10.10 22.46
CA PRO U 2 -10.75 9.15 21.50
C PRO U 2 -11.62 7.91 21.28
N MET U 3 -12.18 7.37 22.35
CA MET U 3 -13.02 6.18 22.26
C MET U 3 -14.29 6.49 21.47
N GLU U 4 -14.79 7.72 21.57
CA GLU U 4 -15.96 8.09 20.79
C GLU U 4 -15.64 8.08 19.27
N GLU U 5 -14.47 8.57 18.92
CA GLU U 5 -14.03 8.55 17.53
C GLU U 5 -13.92 7.10 17.11
N GLN U 6 -13.44 6.27 18.02
CA GLN U 6 -13.38 4.85 17.78
C GLN U 6 -14.77 4.23 17.58
N ARG U 7 -15.74 4.71 18.33
CA ARG U 7 -17.10 4.19 18.19
C ARG U 7 -17.64 4.49 16.81
N GLU U 8 -17.31 5.66 16.29
CA GLU U 8 -17.86 6.04 14.99
C GLU U 8 -17.41 5.13 13.84
N ILE U 9 -16.15 4.70 13.86
CA ILE U 9 -15.70 3.79 12.80
C ILE U 9 -16.47 2.48 12.87
N LEU U 10 -16.74 1.97 14.07
CA LEU U 10 -17.53 0.74 14.17
C LEU U 10 -18.96 0.97 13.69
N GLU U 11 -19.46 2.19 13.88
CA GLU U 11 -20.76 2.51 13.30
C GLU U 11 -20.65 2.45 11.78
N GLN U 12 -19.50 2.87 11.26
CA GLN U 12 -19.27 2.84 9.82
C GLN U 12 -19.16 1.42 9.31
N LEU U 13 -18.53 0.53 10.08
CA LEU U 13 -18.47 -0.86 9.71
C LEU U 13 -19.87 -1.36 9.66
N LYS U 14 -20.70 -0.87 10.57
CA LYS U 14 -22.08 -1.32 10.53
C LYS U 14 -22.79 -0.91 9.25
N LYS U 15 -22.75 0.36 8.88
CA LYS U 15 -23.48 0.77 7.68
C LYS U 15 -22.96 0.07 6.43
N THR U 16 -21.63 -0.01 6.30
CA THR U 16 -21.06 -0.61 5.11
C THR U 16 -21.46 -2.07 5.05
N LEU U 17 -21.49 -2.75 6.20
CA LEU U 17 -21.86 -4.16 6.16
C LEU U 17 -23.31 -4.28 5.73
N GLN U 18 -24.17 -3.39 6.20
CA GLN U 18 -25.56 -3.46 5.80
C GLN U 18 -25.79 -3.26 4.33
N MET U 19 -25.13 -2.26 3.77
CA MET U 19 -25.28 -1.94 2.36
C MET U 19 -24.82 -3.17 1.58
N LEU U 20 -23.75 -3.74 2.08
CA LEU U 20 -23.20 -4.94 1.50
C LEU U 20 -24.25 -6.05 1.56
N THR U 21 -25.04 -6.11 2.63
CA THR U 21 -26.09 -7.14 2.68
C THR U 21 -27.29 -6.82 1.77
N VAL U 22 -27.55 -5.54 1.51
CA VAL U 22 -28.66 -5.21 0.62
C VAL U 22 -28.32 -5.66 -0.78
N GLU U 23 -27.05 -5.55 -1.16
CA GLU U 23 -26.64 -5.96 -2.51
C GLU U 23 -26.96 -7.43 -2.75
N LEU U 24 -27.17 -8.18 -1.66
CA LEU U 24 -27.42 -9.61 -1.72
C LEU U 24 -28.88 -9.93 -2.03
N GLY V 1 36.75 9.17 -26.60
CA GLY V 1 38.07 9.65 -26.24
C GLY V 1 38.51 9.10 -24.89
N PRO V 2 38.03 9.73 -23.80
CA PRO V 2 38.36 9.26 -22.45
C PRO V 2 37.81 7.87 -22.19
N MET V 3 36.88 7.45 -23.04
CA MET V 3 36.22 6.18 -22.89
C MET V 3 37.24 5.05 -23.00
N GLU V 4 38.16 5.20 -23.93
CA GLU V 4 39.21 4.22 -24.11
C GLU V 4 40.08 4.13 -22.86
N GLU V 5 40.44 5.28 -22.31
CA GLU V 5 41.27 5.29 -21.11
C GLU V 5 40.59 4.59 -19.95
N GLN V 6 39.35 4.97 -19.71
CA GLN V 6 38.56 4.37 -18.63
C GLN V 6 38.39 2.87 -18.82
N ARG V 7 38.33 2.46 -20.08
CA ARG V 7 38.22 1.04 -20.38
C ARG V 7 39.51 0.34 -20.02
N GLU V 8 40.64 0.96 -20.37
CA GLU V 8 41.92 0.39 -20.03
C GLU V 8 42.08 0.22 -18.52
N ILE V 9 41.64 1.24 -17.79
CA ILE V 9 41.72 1.27 -16.33
C ILE V 9 40.92 0.10 -15.79
N LEU V 10 39.76 -0.07 -16.39
CA LEU V 10 38.86 -1.14 -16.01
C LEU V 10 39.48 -2.51 -16.23
N GLU V 11 40.19 -2.66 -17.33
CA GLU V 11 40.82 -3.94 -17.64
C GLU V 11 41.92 -4.22 -16.64
N GLN V 12 42.61 -3.16 -16.24
CA GLN V 12 43.67 -3.26 -15.26
C GLN V 12 43.09 -3.78 -13.96
N LEU V 13 41.95 -3.21 -13.63
CA LEU V 13 41.24 -3.52 -12.40
C LEU V 13 40.84 -4.97 -12.41
N LYS V 14 40.43 -5.43 -13.58
CA LYS V 14 40.07 -6.81 -13.77
C LYS V 14 41.25 -7.72 -13.48
N LYS V 15 42.42 -7.35 -14.00
CA LYS V 15 43.61 -8.15 -13.79
C LYS V 15 43.97 -8.25 -12.30
N THR V 16 43.86 -7.11 -11.63
CA THR V 16 44.17 -7.04 -10.21
C THR V 16 43.25 -8.03 -9.48
N LEU V 17 42.00 -8.04 -9.94
CA LEU V 17 41.01 -8.94 -9.39
C LEU V 17 41.36 -10.40 -9.61
N GLN V 18 41.90 -10.70 -10.78
CA GLN V 18 42.28 -12.07 -11.07
C GLN V 18 43.34 -12.53 -10.08
N MET V 19 44.41 -11.76 -9.94
CA MET V 19 45.48 -12.19 -9.02
C MET V 19 44.94 -12.37 -7.60
N LEU V 20 44.22 -11.35 -7.14
CA LEU V 20 43.68 -11.37 -5.79
C LEU V 20 42.82 -12.59 -5.53
N THR V 21 42.01 -12.95 -6.52
CA THR V 21 41.12 -14.09 -6.35
C THR V 21 41.93 -15.38 -6.35
N VAL V 22 43.04 -15.37 -7.06
CA VAL V 22 43.90 -16.55 -7.09
C VAL V 22 44.49 -16.82 -5.73
N GLU V 23 44.91 -15.76 -5.04
CA GLU V 23 45.56 -15.96 -3.74
C GLU V 23 44.62 -16.60 -2.74
N LEU V 24 43.38 -16.11 -2.71
CA LEU V 24 42.38 -16.66 -1.81
C LEU V 24 41.93 -18.03 -2.30
N GLY W 1 32.45 -25.75 13.70
CA GLY W 1 31.26 -24.93 13.83
C GLY W 1 31.35 -23.66 13.01
N PRO W 2 31.67 -22.54 13.67
CA PRO W 2 31.82 -21.24 13.02
C PRO W 2 32.99 -21.23 12.04
N MET W 3 33.98 -22.05 12.34
CA MET W 3 35.16 -22.22 11.49
C MET W 3 34.83 -22.82 10.12
N GLU W 4 33.98 -23.84 10.11
CA GLU W 4 33.50 -24.43 8.86
C GLU W 4 32.68 -23.40 8.09
N GLU W 5 31.94 -22.58 8.82
CA GLU W 5 31.16 -21.53 8.19
C GLU W 5 32.09 -20.55 7.49
N GLN W 6 33.16 -20.17 8.19
CA GLN W 6 34.14 -19.25 7.63
C GLN W 6 34.80 -19.80 6.38
N ARG W 7 35.21 -21.07 6.41
CA ARG W 7 35.84 -21.67 5.22
C ARG W 7 34.87 -21.72 4.05
N GLU W 8 33.62 -22.06 4.34
CA GLU W 8 32.61 -22.13 3.29
C GLU W 8 32.37 -20.76 2.66
N ILE W 9 32.32 -19.73 3.49
CA ILE W 9 32.15 -18.37 2.98
C ILE W 9 33.37 -18.00 2.15
N LEU W 10 34.54 -18.48 2.57
CA LEU W 10 35.75 -18.25 1.80
C LEU W 10 35.55 -18.77 0.38
N GLU W 11 35.27 -20.07 0.27
CA GLU W 11 35.04 -20.68 -1.04
C GLU W 11 33.96 -19.94 -1.84
N GLN W 12 32.87 -19.57 -1.20
CA GLN W 12 31.82 -18.84 -1.89
C GLN W 12 32.36 -17.54 -2.46
N LEU W 13 33.23 -16.89 -1.70
CA LEU W 13 33.84 -15.67 -2.21
C LEU W 13 34.76 -15.97 -3.38
N LYS W 14 35.42 -17.12 -3.33
CA LYS W 14 36.29 -17.47 -4.44
C LYS W 14 35.46 -17.61 -5.70
N LYS W 15 34.37 -18.38 -5.60
CA LYS W 15 33.50 -18.62 -6.74
C LYS W 15 32.87 -17.35 -7.28
N THR W 16 32.24 -16.58 -6.41
CA THR W 16 31.60 -15.36 -6.84
C THR W 16 32.58 -14.44 -7.50
N LEU W 17 33.78 -14.33 -6.93
CA LEU W 17 34.80 -13.46 -7.49
C LEU W 17 35.21 -13.93 -8.86
N GLN W 18 35.32 -15.23 -9.02
CA GLN W 18 35.69 -15.77 -10.31
C GLN W 18 34.61 -15.37 -11.29
N MET W 19 33.36 -15.48 -10.86
CA MET W 19 32.23 -15.12 -11.72
C MET W 19 32.25 -13.64 -12.08
N LEU W 20 32.64 -12.79 -11.15
CA LEU W 20 32.71 -11.37 -11.41
C LEU W 20 33.80 -11.10 -12.40
N THR W 21 34.87 -11.86 -12.26
CA THR W 21 36.04 -11.75 -13.10
C THR W 21 35.75 -12.14 -14.52
N VAL W 22 34.98 -13.21 -14.67
CA VAL W 22 34.59 -13.70 -15.97
C VAL W 22 33.68 -12.69 -16.60
N GLU W 23 32.68 -12.27 -15.83
CA GLU W 23 31.69 -11.33 -16.33
C GLU W 23 32.31 -9.99 -16.64
N LEU W 24 33.32 -9.61 -15.88
CA LEU W 24 34.00 -8.38 -16.19
C LEU W 24 34.80 -8.65 -17.44
N GLY X 1 11.13 -2.43 -18.54
CA GLY X 1 11.07 -1.46 -19.62
C GLY X 1 11.75 -2.00 -20.86
N PRO X 2 12.35 -1.10 -21.65
CA PRO X 2 13.10 -1.51 -22.84
C PRO X 2 14.28 -2.40 -22.48
N MET X 3 14.91 -2.95 -23.51
CA MET X 3 16.01 -3.88 -23.32
C MET X 3 17.22 -3.25 -22.64
N GLU X 4 17.49 -2.00 -22.99
CA GLU X 4 18.63 -1.30 -22.41
C GLU X 4 18.35 -0.74 -21.02
N GLU X 5 17.16 -0.21 -20.79
CA GLU X 5 16.86 0.38 -19.48
C GLU X 5 16.96 -0.68 -18.41
N GLN X 6 16.61 -1.90 -18.78
CA GLN X 6 16.75 -3.02 -17.88
C GLN X 6 18.21 -3.21 -17.54
N ARG X 7 19.06 -3.18 -18.56
CA ARG X 7 20.47 -3.38 -18.34
C ARG X 7 21.06 -2.30 -17.46
N GLU X 8 20.67 -1.06 -17.73
CA GLU X 8 21.27 0.08 -17.08
C GLU X 8 20.89 0.06 -15.62
N ILE X 9 19.63 -0.22 -15.33
CA ILE X 9 19.16 -0.28 -13.96
C ILE X 9 19.88 -1.43 -13.28
N LEU X 10 20.05 -2.50 -14.03
CA LEU X 10 20.71 -3.68 -13.52
C LEU X 10 22.11 -3.34 -13.13
N GLU X 11 22.74 -2.48 -13.92
CA GLU X 11 24.10 -2.01 -13.66
C GLU X 11 24.18 -1.19 -12.40
N GLN X 12 23.26 -0.23 -12.26
CA GLN X 12 23.31 0.63 -11.11
C GLN X 12 23.19 -0.24 -9.89
N LEU X 13 22.35 -1.26 -9.97
CA LEU X 13 22.28 -2.21 -8.88
C LEU X 13 23.56 -2.98 -8.75
N LYS X 14 24.28 -3.21 -9.84
CA LYS X 14 25.52 -3.95 -9.69
C LYS X 14 26.53 -3.20 -8.87
N LYS X 15 26.76 -1.94 -9.22
CA LYS X 15 27.68 -1.12 -8.46
C LYS X 15 27.25 -0.98 -7.00
N THR X 16 25.96 -0.66 -6.81
CA THR X 16 25.44 -0.48 -5.47
C THR X 16 25.66 -1.77 -4.69
N LEU X 17 25.54 -2.91 -5.34
CA LEU X 17 25.74 -4.15 -4.64
C LEU X 17 27.19 -4.34 -4.23
N GLN X 18 28.10 -4.04 -5.15
CA GLN X 18 29.51 -4.20 -4.79
C GLN X 18 30.00 -3.32 -3.69
N MET X 19 29.58 -2.06 -3.65
CA MET X 19 30.08 -1.19 -2.60
C MET X 19 29.80 -1.84 -1.26
N LEU X 20 28.62 -2.43 -1.09
CA LEU X 20 28.36 -3.20 0.13
C LEU X 20 29.10 -4.51 0.25
N THR X 21 29.43 -5.22 -0.82
CA THR X 21 30.26 -6.41 -0.53
C THR X 21 31.59 -5.90 -0.01
N VAL X 22 32.01 -4.72 -0.49
CA VAL X 22 33.22 -4.08 -0.02
C VAL X 22 33.09 -3.78 1.44
N GLU X 23 31.92 -3.26 1.82
CA GLU X 23 31.72 -2.85 3.19
C GLU X 23 31.91 -3.98 4.17
N LEU X 24 31.45 -5.19 3.89
CA LEU X 24 31.74 -6.23 4.86
C LEU X 24 32.95 -7.01 4.40
N GLY Y 1 30.23 -14.84 13.12
CA GLY Y 1 29.27 -14.12 13.93
C GLY Y 1 28.21 -13.46 13.08
N PRO Y 2 27.87 -12.19 13.41
CA PRO Y 2 26.87 -11.41 12.69
C PRO Y 2 27.27 -11.03 11.26
N MET Y 3 28.48 -10.50 11.13
CA MET Y 3 28.98 -10.05 9.84
C MET Y 3 29.18 -11.23 8.90
N GLU Y 4 29.54 -12.38 9.42
CA GLU Y 4 29.73 -13.55 8.57
C GLU Y 4 28.43 -13.98 7.87
N GLU Y 5 27.35 -14.05 8.63
CA GLU Y 5 26.06 -14.41 8.07
C GLU Y 5 25.58 -13.34 7.08
N GLN Y 6 25.74 -12.08 7.47
CA GLN Y 6 25.33 -10.99 6.59
C GLN Y 6 26.13 -11.00 5.28
N ARG Y 7 27.41 -11.31 5.40
CA ARG Y 7 28.30 -11.42 4.25
C ARG Y 7 27.86 -12.54 3.33
N GLU Y 8 27.40 -13.66 3.92
CA GLU Y 8 26.94 -14.77 3.11
C GLU Y 8 25.75 -14.33 2.27
N ILE Y 9 24.76 -13.77 2.94
CA ILE Y 9 23.59 -13.25 2.22
C ILE Y 9 23.96 -12.30 1.10
N LEU Y 10 24.89 -11.38 1.35
CA LEU Y 10 25.30 -10.44 0.30
C LEU Y 10 26.00 -11.13 -0.88
N GLU Y 11 26.80 -12.16 -0.62
CA GLU Y 11 27.42 -12.83 -1.73
C GLU Y 11 26.37 -13.50 -2.57
N GLN Y 12 25.33 -14.00 -1.89
CA GLN Y 12 24.23 -14.63 -2.61
C GLN Y 12 23.53 -13.61 -3.51
N LEU Y 13 23.29 -12.40 -2.99
CA LEU Y 13 22.67 -11.37 -3.81
C LEU Y 13 23.56 -11.11 -4.98
N LYS Y 14 24.86 -11.11 -4.73
CA LYS Y 14 25.79 -10.80 -5.80
C LYS Y 14 25.74 -11.82 -6.93
N LYS Y 15 25.79 -13.10 -6.61
CA LYS Y 15 25.78 -14.13 -7.67
C LYS Y 15 24.46 -14.01 -8.43
N THR Y 16 23.37 -13.78 -7.71
CA THR Y 16 22.08 -13.66 -8.38
C THR Y 16 22.15 -12.49 -9.37
N LEU Y 17 22.76 -11.39 -8.96
CA LEU Y 17 22.86 -10.23 -9.85
C LEU Y 17 23.74 -10.58 -11.04
N GLN Y 18 24.75 -11.42 -10.84
CA GLN Y 18 25.61 -11.82 -11.95
C GLN Y 18 24.74 -12.49 -12.99
N MET Y 19 23.84 -13.34 -12.51
CA MET Y 19 22.90 -14.03 -13.38
C MET Y 19 22.02 -13.02 -14.12
N LEU Y 20 21.59 -11.97 -13.42
CA LEU Y 20 20.79 -10.97 -14.09
C LEU Y 20 21.59 -10.38 -15.24
N THR Y 21 22.89 -10.24 -15.04
CA THR Y 21 23.70 -9.71 -16.12
C THR Y 21 23.76 -10.77 -17.23
N VAL Y 22 23.61 -12.05 -16.87
CA VAL Y 22 23.61 -13.10 -17.88
C VAL Y 22 22.42 -13.01 -18.82
N GLU Y 23 21.24 -12.76 -18.26
CA GLU Y 23 20.01 -12.71 -19.05
C GLU Y 23 19.99 -11.64 -20.13
N LEU Y 24 21.04 -10.84 -20.19
CA LEU Y 24 21.07 -9.66 -21.06
C LEU Y 24 21.88 -9.83 -22.34
N GLY Z 1 6.71 6.17 1.12
CA GLY Z 1 6.67 4.73 0.98
C GLY Z 1 8.01 4.06 1.24
N PRO Z 2 8.72 3.72 0.16
CA PRO Z 2 10.10 3.23 0.19
C PRO Z 2 11.10 4.38 0.33
N MET Z 3 10.73 5.52 -0.27
CA MET Z 3 11.52 6.73 -0.12
C MET Z 3 11.55 7.18 1.33
N GLU Z 4 10.54 6.79 2.10
CA GLU Z 4 10.52 7.11 3.53
C GLU Z 4 11.55 6.27 4.28
N GLU Z 5 11.67 5.01 3.92
CA GLU Z 5 12.70 4.17 4.50
C GLU Z 5 14.08 4.70 4.16
N GLN Z 6 14.25 5.11 2.90
CA GLN Z 6 15.53 5.67 2.51
C GLN Z 6 15.82 6.92 3.31
N ARG Z 7 14.81 7.77 3.47
CA ARG Z 7 14.97 8.98 4.27
C ARG Z 7 15.48 8.63 5.64
N GLU Z 8 14.84 7.64 6.26
CA GLU Z 8 15.26 7.23 7.59
C GLU Z 8 16.72 6.81 7.61
N ILE Z 9 17.13 5.96 6.67
CA ILE Z 9 18.51 5.49 6.70
C ILE Z 9 19.48 6.64 6.45
N LEU Z 10 19.10 7.59 5.61
CA LEU Z 10 19.95 8.75 5.35
C LEU Z 10 20.13 9.59 6.59
N GLU Z 11 19.04 9.77 7.33
CA GLU Z 11 19.10 10.47 8.61
C GLU Z 11 20.03 9.77 9.59
N GLN Z 12 19.84 8.47 9.78
CA GLN Z 12 20.64 7.77 10.79
C GLN Z 12 22.11 7.63 10.38
N LEU Z 13 22.38 7.70 9.09
CA LEU Z 13 23.76 7.68 8.59
C LEU Z 13 24.44 9.01 8.79
N LYS Z 14 23.72 10.10 8.55
CA LYS Z 14 24.25 11.40 8.86
C LYS Z 14 24.48 11.53 10.36
N LYS Z 15 23.62 10.90 11.15
CA LYS Z 15 23.86 10.84 12.58
C LYS Z 15 25.20 10.18 12.85
N THR Z 16 25.32 8.90 12.52
CA THR Z 16 26.56 8.19 12.84
C THR Z 16 27.80 8.88 12.27
N LEU Z 17 27.68 9.48 11.10
CA LEU Z 17 28.80 10.27 10.59
C LEU Z 17 29.09 11.46 11.49
N GLN Z 18 28.04 12.08 12.04
CA GLN Z 18 28.24 13.18 12.98
C GLN Z 18 29.01 12.74 14.21
N MET Z 19 28.57 11.65 14.82
CA MET Z 19 29.26 11.05 15.95
C MET Z 19 30.72 10.80 15.63
N LEU Z 20 30.97 10.12 14.53
CA LEU Z 20 32.35 9.77 14.17
C LEU Z 20 33.19 10.98 13.80
N THR Z 21 32.56 12.04 13.31
CA THR Z 21 33.29 13.25 12.96
C THR Z 21 33.73 13.93 14.23
N VAL Z 22 32.85 13.95 15.23
CA VAL Z 22 33.22 14.51 16.53
C VAL Z 22 34.37 13.72 17.15
N GLU Z 23 34.21 12.40 17.21
CA GLU Z 23 35.23 11.56 17.84
C GLU Z 23 36.62 11.71 17.22
N LEU Z 24 36.70 11.70 15.90
CA LEU Z 24 37.96 12.01 15.24
C LEU Z 24 38.17 13.51 15.25
N GLY AA 1 57.49 17.85 12.40
CA GLY AA 1 57.87 17.06 11.25
C GLY AA 1 56.71 16.33 10.61
N PRO AA 2 56.91 15.06 10.27
CA PRO AA 2 55.94 14.17 9.62
C PRO AA 2 54.70 13.87 10.47
N MET AA 3 54.90 13.58 11.76
CA MET AA 3 53.81 13.22 12.65
C MET AA 3 52.84 14.38 12.78
N GLU AA 4 53.41 15.59 12.84
CA GLU AA 4 52.64 16.81 12.93
C GLU AA 4 51.82 16.93 11.66
N GLU AA 5 52.43 16.59 10.53
CA GLU AA 5 51.74 16.63 9.25
C GLU AA 5 50.54 15.68 9.24
N GLN AA 6 50.73 14.47 9.73
CA GLN AA 6 49.65 13.49 9.81
C GLN AA 6 48.48 13.97 10.67
N ARG AA 7 48.79 14.55 11.82
CA ARG AA 7 47.74 15.07 12.69
C ARG AA 7 47.04 16.23 11.99
N GLU AA 8 47.81 17.01 11.26
CA GLU AA 8 47.27 18.14 10.52
C GLU AA 8 46.26 17.64 9.50
N ILE AA 9 46.59 16.50 8.87
CA ILE AA 9 45.69 15.87 7.92
C ILE AA 9 44.39 15.39 8.55
N LEU AA 10 44.47 14.73 9.69
CA LEU AA 10 43.22 14.28 10.30
C LEU AA 10 42.36 15.47 10.68
N GLU AA 11 43.00 16.57 11.10
CA GLU AA 11 42.23 17.77 11.40
C GLU AA 11 41.57 18.34 10.15
N GLN AA 12 42.24 18.18 9.01
CA GLN AA 12 41.67 18.63 7.75
C GLN AA 12 40.49 17.74 7.36
N LEU AA 13 40.66 16.45 7.62
CA LEU AA 13 39.63 15.48 7.35
C LEU AA 13 38.41 15.82 8.14
N LYS AA 14 38.59 16.04 9.43
CA LYS AA 14 37.48 16.31 10.32
C LYS AA 14 36.79 17.60 9.96
N LYS AA 15 37.56 18.55 9.44
CA LYS AA 15 36.95 19.83 9.10
C LYS AA 15 36.07 19.60 7.90
N THR AA 16 36.58 18.80 6.98
CA THR AA 16 35.85 18.45 5.76
C THR AA 16 34.57 17.63 5.99
N LEU AA 17 34.64 16.65 6.88
CA LEU AA 17 33.51 15.80 7.16
C LEU AA 17 32.47 16.70 7.76
N GLN AA 18 32.85 17.48 8.76
CA GLN AA 18 31.90 18.39 9.38
C GLN AA 18 31.25 19.32 8.34
N MET AA 19 31.97 19.62 7.27
CA MET AA 19 31.37 20.35 6.15
C MET AA 19 30.32 19.52 5.41
N LEU AA 20 30.64 18.23 5.24
CA LEU AA 20 29.76 17.30 4.56
C LEU AA 20 28.45 17.18 5.25
N THR AA 21 28.52 17.04 6.56
CA THR AA 21 27.34 16.93 7.37
C THR AA 21 26.63 18.27 7.42
N VAL AA 22 27.35 19.38 7.20
CA VAL AA 22 26.61 20.63 7.11
C VAL AA 22 25.72 20.56 5.89
N GLU AA 23 26.25 20.05 4.78
CA GLU AA 23 25.47 19.98 3.54
C GLU AA 23 24.28 19.03 3.47
N LEU AA 24 24.38 17.85 4.08
CA LEU AA 24 23.35 16.85 3.90
C LEU AA 24 22.02 17.36 4.44
N PRO BA 2 21.81 22.51 -18.28
CA PRO BA 2 20.80 21.75 -17.54
C PRO BA 2 21.05 21.80 -16.04
N MET BA 3 20.23 22.56 -15.31
CA MET BA 3 20.47 22.76 -13.89
C MET BA 3 20.37 21.44 -13.14
N GLU BA 4 19.43 20.64 -13.56
CA GLU BA 4 19.20 19.36 -12.91
C GLU BA 4 20.23 18.31 -13.29
N GLU BA 5 20.73 18.42 -14.52
CA GLU BA 5 21.73 17.47 -14.96
C GLU BA 5 23.03 17.77 -14.25
N GLN BA 6 23.40 19.04 -14.22
CA GLN BA 6 24.64 19.46 -13.59
C GLN BA 6 24.59 19.05 -12.12
N ARG BA 7 23.43 19.21 -11.50
CA ARG BA 7 23.27 18.81 -10.11
C ARG BA 7 23.57 17.32 -10.01
N GLU BA 8 23.08 16.58 -10.98
CA GLU BA 8 23.36 15.15 -10.97
C GLU BA 8 24.82 14.84 -11.06
N ILE BA 9 25.51 15.56 -11.92
CA ILE BA 9 26.92 15.31 -12.16
C ILE BA 9 27.79 15.60 -10.93
N LEU BA 10 27.50 16.70 -10.25
CA LEU BA 10 28.23 17.05 -9.06
C LEU BA 10 28.05 16.00 -8.02
N GLU BA 11 26.81 15.58 -7.89
CA GLU BA 11 26.45 14.59 -6.90
C GLU BA 11 27.22 13.30 -7.26
N GLN BA 12 27.28 12.95 -8.53
CA GLN BA 12 27.98 11.72 -8.91
C GLN BA 12 29.47 11.77 -8.62
N LEU BA 13 30.05 12.94 -8.86
CA LEU BA 13 31.46 13.09 -8.61
C LEU BA 13 31.77 12.97 -7.16
N LYS BA 14 30.92 13.58 -6.35
CA LYS BA 14 31.12 13.55 -4.92
C LYS BA 14 31.03 12.17 -4.39
N LYS BA 15 30.05 11.43 -4.87
CA LYS BA 15 29.91 10.06 -4.48
C LYS BA 15 31.24 9.38 -4.72
N THR BA 16 31.74 9.56 -5.93
CA THR BA 16 32.95 8.90 -6.38
C THR BA 16 34.18 9.24 -5.52
N LEU BA 17 34.27 10.52 -5.14
CA LEU BA 17 35.42 10.98 -4.40
C LEU BA 17 35.46 10.37 -3.04
N GLN BA 18 34.32 10.37 -2.37
CA GLN BA 18 34.22 9.80 -1.02
C GLN BA 18 34.56 8.32 -1.09
N MET BA 19 34.13 7.70 -2.16
CA MET BA 19 34.47 6.30 -2.34
C MET BA 19 36.00 6.14 -2.34
N LEU BA 20 36.68 7.03 -3.05
CA LEU BA 20 38.15 6.96 -3.09
C LEU BA 20 38.84 7.38 -1.76
N THR BA 21 38.24 8.31 -1.01
CA THR BA 21 38.77 8.68 0.30
C THR BA 21 38.74 7.44 1.14
N VAL BA 22 37.70 6.66 0.97
CA VAL BA 22 37.61 5.40 1.67
C VAL BA 22 38.75 4.50 1.19
N GLU BA 23 39.05 4.55 -0.11
CA GLU BA 23 40.14 3.72 -0.61
C GLU BA 23 41.46 4.00 0.12
N LEU BA 24 41.68 5.25 0.53
CA LEU BA 24 42.92 5.64 1.22
C LEU BA 24 43.07 5.24 2.69
N GLY CA 1 56.29 13.23 1.42
CA GLY CA 1 55.47 12.04 1.45
C GLY CA 1 54.36 12.08 0.41
N PRO CA 2 54.43 11.20 -0.58
CA PRO CA 2 53.45 11.11 -1.66
C PRO CA 2 52.06 10.70 -1.16
N MET CA 3 52.01 9.74 -0.24
CA MET CA 3 50.73 9.28 0.31
C MET CA 3 49.96 10.43 0.93
N GLU CA 4 50.61 11.17 1.82
CA GLU CA 4 49.98 12.32 2.45
C GLU CA 4 49.53 13.35 1.42
N GLU CA 5 50.28 13.45 0.33
CA GLU CA 5 49.93 14.34 -0.76
C GLU CA 5 48.66 13.86 -1.45
N GLN CA 6 48.50 12.54 -1.52
CA GLN CA 6 47.32 11.95 -2.10
C GLN CA 6 46.11 12.22 -1.22
N ARG CA 7 46.27 12.04 0.08
CA ARG CA 7 45.21 12.39 1.00
C ARG CA 7 44.88 13.88 0.87
N GLU CA 8 45.91 14.66 0.60
CA GLU CA 8 45.80 16.11 0.50
C GLU CA 8 44.97 16.51 -0.70
N ILE CA 9 45.30 15.93 -1.85
CA ILE CA 9 44.58 16.23 -3.07
C ILE CA 9 43.15 15.77 -2.92
N LEU CA 10 42.95 14.62 -2.27
CA LEU CA 10 41.60 14.14 -2.06
C LEU CA 10 40.78 15.14 -1.28
N GLU CA 11 41.17 15.41 -0.04
CA GLU CA 11 40.40 16.30 0.81
C GLU CA 11 40.20 17.67 0.18
N GLN CA 12 41.20 18.12 -0.56
CA GLN CA 12 41.08 19.37 -1.30
C GLN CA 12 39.93 19.27 -2.30
N LEU CA 13 40.01 18.24 -3.14
CA LEU CA 13 38.96 17.94 -4.12
C LEU CA 13 37.60 18.01 -3.45
N LYS CA 14 37.44 17.17 -2.45
CA LYS CA 14 36.18 17.03 -1.72
C LYS CA 14 35.62 18.36 -1.23
N LYS CA 15 36.47 19.17 -0.62
CA LYS CA 15 36.04 20.49 -0.18
C LYS CA 15 35.51 21.30 -1.37
N THR CA 16 36.25 21.24 -2.48
CA THR CA 16 35.84 21.97 -3.69
C THR CA 16 34.45 21.53 -4.10
N LEU CA 17 34.22 20.23 -4.05
CA LEU CA 17 32.94 19.62 -4.41
C LEU CA 17 31.79 20.17 -3.62
N GLN CA 18 31.85 20.00 -2.31
CA GLN CA 18 30.76 20.45 -1.45
C GLN CA 18 30.53 21.95 -1.60
N MET CA 19 31.59 22.70 -1.88
CA MET CA 19 31.45 24.13 -2.17
C MET CA 19 30.70 24.34 -3.48
N LEU CA 20 30.90 23.43 -4.42
CA LEU CA 20 30.21 23.50 -5.70
C LEU CA 20 28.74 23.19 -5.53
N THR CA 21 28.46 22.20 -4.69
CA THR CA 21 27.09 21.82 -4.40
C THR CA 21 26.40 22.99 -3.75
N VAL CA 22 26.98 23.49 -2.65
CA VAL CA 22 26.37 24.61 -1.95
C VAL CA 22 26.22 25.79 -2.90
N GLU CA 23 27.03 25.82 -3.96
CA GLU CA 23 26.81 26.81 -4.99
C GLU CA 23 25.47 26.54 -5.69
N LEU CA 24 25.09 25.27 -5.72
CA LEU CA 24 23.88 24.88 -6.45
C LEU CA 24 22.67 24.59 -5.54
N GLY DA 1 -12.25 9.44 4.01
CA GLY DA 1 -12.19 10.78 3.45
C GLY DA 1 -13.40 11.64 3.79
N PRO DA 2 -13.28 12.97 3.59
CA PRO DA 2 -14.37 13.92 3.85
C PRO DA 2 -15.59 13.78 2.95
N MET DA 3 -15.80 14.82 2.14
CA MET DA 3 -16.93 14.93 1.20
C MET DA 3 -16.88 13.90 0.08
N GLU DA 4 -15.67 13.58 -0.34
CA GLU DA 4 -15.45 12.66 -1.45
C GLU DA 4 -16.02 11.30 -1.12
N GLU DA 5 -15.85 10.86 0.12
CA GLU DA 5 -16.44 9.62 0.57
C GLU DA 5 -17.95 9.74 0.53
N GLN DA 6 -18.44 10.89 0.95
CA GLN DA 6 -19.88 11.15 0.99
C GLN DA 6 -20.52 11.05 -0.40
N ARG DA 7 -19.75 11.32 -1.44
CA ARG DA 7 -20.21 11.06 -2.81
C ARG DA 7 -19.97 9.61 -3.20
N GLU DA 8 -18.81 9.08 -2.80
CA GLU DA 8 -18.41 7.71 -3.13
C GLU DA 8 -19.47 6.71 -2.76
N ILE DA 9 -20.14 6.94 -1.63
CA ILE DA 9 -21.22 6.05 -1.25
C ILE DA 9 -22.36 6.11 -2.29
N LEU DA 10 -22.65 7.31 -2.77
CA LEU DA 10 -23.69 7.50 -3.78
C LEU DA 10 -23.36 6.80 -5.07
N GLU DA 11 -22.12 6.91 -5.51
CA GLU DA 11 -21.74 6.25 -6.74
C GLU DA 11 -21.77 4.77 -6.57
N GLN DA 12 -21.40 4.26 -5.42
CA GLN DA 12 -21.51 2.83 -5.25
C GLN DA 12 -22.92 2.30 -5.33
N LEU DA 13 -23.84 2.95 -4.65
CA LEU DA 13 -25.21 2.47 -4.70
C LEU DA 13 -25.78 2.63 -6.12
N LYS DA 14 -25.42 3.73 -6.76
CA LYS DA 14 -25.81 4.02 -8.13
C LYS DA 14 -25.38 2.88 -9.00
N LYS DA 15 -24.14 2.48 -8.81
CA LYS DA 15 -23.58 1.40 -9.58
C LYS DA 15 -24.36 0.12 -9.36
N THR DA 16 -24.72 -0.16 -8.11
CA THR DA 16 -25.46 -1.40 -7.85
C THR DA 16 -26.85 -1.40 -8.51
N LEU DA 17 -27.52 -0.25 -8.47
CA LEU DA 17 -28.83 -0.11 -9.08
C LEU DA 17 -28.77 -0.24 -10.58
N GLN DA 18 -27.80 0.42 -11.16
CA GLN DA 18 -27.60 0.39 -12.59
C GLN DA 18 -27.34 -1.03 -12.99
N MET DA 19 -26.55 -1.74 -12.19
CA MET DA 19 -26.33 -3.14 -12.49
C MET DA 19 -27.61 -3.93 -12.46
N LEU DA 20 -28.50 -3.64 -11.52
CA LEU DA 20 -29.76 -4.39 -11.52
C LEU DA 20 -30.65 -4.07 -12.72
N THR DA 21 -30.72 -2.80 -13.11
CA THR DA 21 -31.56 -2.36 -14.24
C THR DA 21 -31.03 -2.89 -15.55
N VAL DA 22 -29.74 -3.18 -15.60
CA VAL DA 22 -29.19 -3.76 -16.80
C VAL DA 22 -29.84 -5.12 -17.01
N GLU DA 23 -30.03 -5.88 -15.94
CA GLU DA 23 -30.70 -7.16 -16.06
C GLU DA 23 -32.17 -7.01 -16.49
N LEU DA 24 -32.83 -5.93 -16.06
CA LEU DA 24 -34.26 -5.81 -16.34
C LEU DA 24 -34.56 -4.81 -17.45
N GLY EA 1 -41.98 -12.94 -16.05
CA GLY EA 1 -43.09 -13.55 -15.34
C GLY EA 1 -44.34 -12.70 -15.29
N PRO EA 2 -44.96 -12.59 -14.10
CA PRO EA 2 -46.15 -11.77 -13.87
C PRO EA 2 -45.86 -10.30 -14.11
N MET EA 3 -46.48 -9.71 -15.13
CA MET EA 3 -46.18 -8.34 -15.55
C MET EA 3 -46.41 -7.25 -14.51
N GLU EA 4 -47.44 -7.37 -13.69
CA GLU EA 4 -47.69 -6.36 -12.68
C GLU EA 4 -46.54 -6.28 -11.68
N GLU EA 5 -46.05 -7.44 -11.27
CA GLU EA 5 -44.93 -7.47 -10.34
C GLU EA 5 -43.66 -6.90 -10.93
N GLN EA 6 -43.34 -7.28 -12.15
CA GLN EA 6 -42.14 -6.76 -12.78
C GLN EA 6 -42.24 -5.25 -12.93
N ARG EA 7 -43.41 -4.74 -13.32
CA ARG EA 7 -43.55 -3.30 -13.49
C ARG EA 7 -43.31 -2.63 -12.16
N GLU EA 8 -43.78 -3.30 -11.11
CA GLU EA 8 -43.62 -2.75 -9.78
C GLU EA 8 -42.13 -2.72 -9.42
N ILE EA 9 -41.39 -3.78 -9.75
CA ILE EA 9 -39.97 -3.82 -9.45
C ILE EA 9 -39.19 -2.76 -10.19
N LEU EA 10 -39.42 -2.62 -11.48
CA LEU EA 10 -38.71 -1.61 -12.24
C LEU EA 10 -38.99 -0.21 -11.79
N GLU EA 11 -40.23 0.08 -11.42
CA GLU EA 11 -40.47 1.45 -11.02
C GLU EA 11 -39.71 1.76 -9.73
N GLN EA 12 -39.50 0.76 -8.88
CA GLN EA 12 -38.73 0.99 -7.67
C GLN EA 12 -37.34 1.50 -8.03
N LEU EA 13 -36.72 0.84 -9.01
CA LEU EA 13 -35.40 1.18 -9.49
C LEU EA 13 -35.46 2.58 -10.09
N LYS EA 14 -36.55 2.87 -10.79
CA LYS EA 14 -36.68 4.16 -11.44
C LYS EA 14 -36.69 5.23 -10.38
N LYS EA 15 -37.27 4.91 -9.24
CA LYS EA 15 -37.37 5.86 -8.15
C LYS EA 15 -36.04 6.01 -7.42
N THR EA 16 -35.38 4.89 -7.18
CA THR EA 16 -34.16 4.92 -6.41
C THR EA 16 -33.17 5.78 -7.20
N LEU EA 17 -33.12 5.58 -8.51
CA LEU EA 17 -32.29 6.44 -9.35
C LEU EA 17 -32.80 7.87 -9.35
N GLN EA 18 -34.11 8.06 -9.26
CA GLN EA 18 -34.61 9.43 -9.20
C GLN EA 18 -34.00 10.16 -8.02
N MET EA 19 -33.90 9.47 -6.91
CA MET EA 19 -33.28 10.05 -5.73
C MET EA 19 -31.78 10.29 -5.87
N LEU EA 20 -31.09 9.25 -6.33
CA LEU EA 20 -29.65 9.33 -6.45
C LEU EA 20 -29.22 10.39 -7.43
N THR EA 21 -29.96 10.56 -8.51
CA THR EA 21 -29.62 11.56 -9.50
C THR EA 21 -29.86 12.94 -8.92
N VAL EA 22 -30.79 13.03 -7.98
CA VAL EA 22 -31.06 14.31 -7.32
C VAL EA 22 -29.88 14.69 -6.43
N GLU EA 23 -29.28 13.70 -5.76
CA GLU EA 23 -28.20 14.02 -4.83
C GLU EA 23 -26.96 14.62 -5.45
N LEU EA 24 -26.46 14.00 -6.52
CA LEU EA 24 -25.26 14.48 -7.17
C LEU EA 24 -25.52 15.81 -7.88
N GLY FA 1 -8.76 9.90 -36.44
CA GLY FA 1 -8.51 9.25 -37.71
C GLY FA 1 -7.04 9.02 -37.96
N PRO FA 2 -6.59 9.32 -39.18
CA PRO FA 2 -5.18 9.18 -39.57
C PRO FA 2 -4.27 10.13 -38.79
N MET FA 3 -4.70 11.37 -38.61
CA MET FA 3 -3.90 12.36 -37.92
C MET FA 3 -3.71 11.93 -36.49
N GLU FA 4 -4.76 11.29 -35.97
CA GLU FA 4 -4.74 10.77 -34.62
C GLU FA 4 -3.66 9.71 -34.52
N GLU FA 5 -3.56 8.85 -35.52
CA GLU FA 5 -2.51 7.83 -35.55
C GLU FA 5 -1.13 8.45 -35.62
N GLN FA 6 -1.01 9.46 -36.49
CA GLN FA 6 0.24 10.18 -36.66
C GLN FA 6 0.69 10.80 -35.36
N ARG FA 7 -0.26 11.21 -34.52
CA ARG FA 7 0.10 11.69 -33.19
C ARG FA 7 0.39 10.53 -32.24
N GLU FA 8 -0.27 9.40 -32.45
CA GLU FA 8 -0.10 8.23 -31.57
C GLU FA 8 1.33 7.72 -31.58
N ILE FA 9 1.95 7.72 -32.76
CA ILE FA 9 3.35 7.28 -32.86
C ILE FA 9 4.25 8.23 -32.07
N LEU FA 10 3.92 9.51 -32.15
CA LEU FA 10 4.64 10.53 -31.39
C LEU FA 10 4.52 10.28 -29.90
N GLU FA 11 3.33 9.92 -29.44
CA GLU FA 11 3.10 9.66 -28.03
C GLU FA 11 3.83 8.42 -27.57
N GLN FA 12 3.85 7.38 -28.38
CA GLN FA 12 4.57 6.19 -27.98
C GLN FA 12 6.07 6.43 -27.86
N LEU FA 13 6.66 7.09 -28.85
CA LEU FA 13 8.10 7.35 -28.73
C LEU FA 13 8.41 8.26 -27.55
N LYS FA 14 7.56 9.26 -27.35
CA LYS FA 14 7.74 10.14 -26.21
C LYS FA 14 7.74 9.37 -24.93
N LYS FA 15 6.77 8.48 -24.79
CA LYS FA 15 6.72 7.68 -23.59
C LYS FA 15 8.02 6.94 -23.43
N THR FA 16 8.55 6.39 -24.51
CA THR FA 16 9.81 5.65 -24.35
C THR FA 16 10.96 6.55 -23.92
N LEU FA 17 11.02 7.77 -24.42
CA LEU FA 17 12.12 8.65 -24.06
C LEU FA 17 12.11 8.94 -22.59
N GLN FA 18 10.91 9.26 -22.13
CA GLN FA 18 10.68 9.54 -20.75
C GLN FA 18 11.00 8.33 -19.95
N MET FA 19 10.74 7.15 -20.50
CA MET FA 19 11.15 5.96 -19.77
C MET FA 19 12.65 5.99 -19.59
N LEU FA 20 13.38 6.43 -20.60
CA LEU FA 20 14.83 6.59 -20.40
C LEU FA 20 15.22 7.64 -19.38
N THR FA 21 14.50 8.76 -19.29
CA THR FA 21 14.88 9.76 -18.30
C THR FA 21 14.65 9.13 -16.94
N VAL FA 22 13.68 8.22 -16.88
CA VAL FA 22 13.46 7.52 -15.64
C VAL FA 22 14.64 6.61 -15.35
N GLU FA 23 15.14 5.88 -16.33
CA GLU FA 23 16.27 5.00 -16.03
C GLU FA 23 17.52 5.77 -15.62
N LEU FA 24 17.70 6.99 -16.12
CA LEU FA 24 18.96 7.71 -15.85
C LEU FA 24 18.84 8.81 -14.78
N GLY GA 1 34.01 4.80 -18.02
CA GLY GA 1 32.70 5.41 -17.93
C GLY GA 1 32.75 6.87 -17.51
N PRO GA 2 33.18 7.75 -18.43
CA PRO GA 2 33.31 9.18 -18.16
C PRO GA 2 31.99 9.90 -17.89
N MET GA 3 32.08 11.04 -17.23
CA MET GA 3 30.95 11.90 -16.95
C MET GA 3 30.38 12.47 -18.24
N GLU GA 4 31.29 12.77 -19.17
CA GLU GA 4 30.89 13.38 -20.44
C GLU GA 4 29.94 12.48 -21.19
N GLU GA 5 30.12 11.17 -21.07
CA GLU GA 5 29.24 10.25 -21.77
C GLU GA 5 27.80 10.38 -21.28
N GLN GA 6 27.62 10.32 -19.96
CA GLN GA 6 26.28 10.43 -19.41
C GLN GA 6 25.71 11.80 -19.70
N ARG GA 7 26.55 12.82 -19.65
CA ARG GA 7 26.09 14.15 -19.98
C ARG GA 7 25.60 14.25 -21.41
N GLU GA 8 26.35 13.64 -22.30
CA GLU GA 8 25.96 13.65 -23.70
C GLU GA 8 24.60 13.01 -23.83
N ILE GA 9 24.44 11.87 -23.18
CA ILE GA 9 23.20 11.13 -23.30
C ILE GA 9 22.00 11.91 -22.79
N LEU GA 10 22.15 12.51 -21.62
CA LEU GA 10 21.06 13.30 -21.06
C LEU GA 10 20.77 14.49 -21.94
N GLU GA 11 21.81 15.07 -22.50
CA GLU GA 11 21.65 16.24 -23.35
C GLU GA 11 20.84 15.85 -24.57
N GLN GA 12 21.15 14.66 -25.07
CA GLN GA 12 20.47 14.16 -26.24
C GLN GA 12 19.01 13.91 -25.97
N LEU GA 13 18.73 13.38 -24.78
CA LEU GA 13 17.34 13.12 -24.41
C LEU GA 13 16.60 14.42 -24.30
N LYS GA 14 17.30 15.45 -23.86
CA LYS GA 14 16.68 16.77 -23.79
C LYS GA 14 16.31 17.22 -25.18
N LYS GA 15 17.23 17.05 -26.12
CA LYS GA 15 16.97 17.47 -27.50
C LYS GA 15 15.76 16.75 -28.09
N THR GA 16 15.77 15.43 -27.95
CA THR GA 16 14.73 14.59 -28.51
C THR GA 16 13.38 14.97 -27.93
N LEU GA 17 13.37 15.18 -26.61
CA LEU GA 17 12.14 15.54 -25.92
C LEU GA 17 11.63 16.88 -26.40
N GLN GA 18 12.55 17.80 -26.63
CA GLN GA 18 12.14 19.12 -27.10
C GLN GA 18 11.49 19.01 -28.44
N MET GA 19 12.09 18.20 -29.31
CA MET GA 19 11.57 18.04 -30.65
C MET GA 19 10.18 17.41 -30.65
N LEU GA 20 9.96 16.41 -29.80
CA LEU GA 20 8.64 15.79 -29.72
C LEU GA 20 7.60 16.71 -29.08
N THR GA 21 8.02 17.41 -28.04
CA THR GA 21 7.14 18.29 -27.30
C THR GA 21 6.67 19.45 -28.15
N VAL GA 22 7.52 19.86 -29.10
CA VAL GA 22 7.09 20.93 -30.00
C VAL GA 22 5.94 20.44 -30.85
N GLU GA 23 6.06 19.22 -31.33
CA GLU GA 23 5.09 18.63 -32.24
C GLU GA 23 3.66 18.50 -31.67
N LEU GA 24 3.51 18.45 -30.34
CA LEU GA 24 2.18 18.39 -29.76
C LEU GA 24 1.39 19.67 -30.00
N GLY HA 1 -8.51 22.35 -12.03
CA GLY HA 1 -7.90 21.50 -13.06
C GLY HA 1 -8.61 20.19 -13.19
N PRO HA 2 -8.10 19.15 -12.53
CA PRO HA 2 -8.74 17.83 -12.48
C PRO HA 2 -10.07 17.87 -11.73
N MET HA 3 -10.20 18.68 -10.70
CA MET HA 3 -11.48 18.79 -9.98
C MET HA 3 -12.54 19.40 -10.91
N GLU HA 4 -12.14 20.37 -11.72
CA GLU HA 4 -13.05 20.91 -12.73
C GLU HA 4 -13.41 19.88 -13.76
N GLU HA 5 -12.41 19.10 -14.15
CA GLU HA 5 -12.63 18.11 -15.15
C GLU HA 5 -13.64 17.08 -14.68
N GLN HA 6 -13.49 16.59 -13.46
CA GLN HA 6 -14.47 15.64 -12.96
C GLN HA 6 -15.78 16.37 -12.78
N ARG HA 7 -15.72 17.68 -12.52
CA ARG HA 7 -16.98 18.41 -12.37
C ARG HA 7 -17.76 18.30 -13.67
N GLU HA 8 -17.07 18.48 -14.78
CA GLU HA 8 -17.68 18.38 -16.09
C GLU HA 8 -18.25 16.98 -16.31
N ILE HA 9 -17.46 15.98 -15.94
CA ILE HA 9 -17.92 14.61 -16.11
C ILE HA 9 -19.14 14.31 -15.27
N LEU HA 10 -19.13 14.80 -14.03
CA LEU HA 10 -20.24 14.56 -13.13
C LEU HA 10 -21.52 15.23 -13.64
N GLU HA 11 -21.37 16.42 -14.22
CA GLU HA 11 -22.51 17.14 -14.72
C GLU HA 11 -23.10 16.38 -15.89
N GLN HA 12 -22.22 15.83 -16.71
CA GLN HA 12 -22.68 15.02 -17.82
C GLN HA 12 -23.40 13.77 -17.35
N LEU HA 13 -22.91 13.17 -16.27
CA LEU HA 13 -23.57 12.00 -15.72
C LEU HA 13 -24.93 12.40 -15.18
N LYS HA 14 -25.02 13.65 -14.73
CA LYS HA 14 -26.28 14.17 -14.26
C LYS HA 14 -27.24 14.16 -15.42
N LYS HA 15 -26.95 14.93 -16.47
CA LYS HA 15 -27.89 15.03 -17.59
C LYS HA 15 -28.29 13.66 -18.09
N THR HA 16 -27.32 12.78 -18.29
CA THR HA 16 -27.63 11.45 -18.80
C THR HA 16 -28.56 10.71 -17.87
N LEU HA 17 -28.35 10.85 -16.57
CA LEU HA 17 -29.23 10.18 -15.62
C LEU HA 17 -30.62 10.79 -15.58
N GLN HA 18 -30.68 12.11 -15.75
CA GLN HA 18 -31.95 12.81 -15.73
C GLN HA 18 -32.80 12.23 -16.86
N MET HA 19 -32.19 12.16 -18.03
CA MET HA 19 -32.82 11.62 -19.21
C MET HA 19 -33.24 10.16 -19.09
N LEU HA 20 -32.32 9.32 -18.61
CA LEU HA 20 -32.64 7.91 -18.50
C LEU HA 20 -33.74 7.68 -17.52
N THR HA 21 -33.73 8.49 -16.48
CA THR HA 21 -34.74 8.37 -15.46
C THR HA 21 -36.10 8.74 -16.02
N VAL HA 22 -36.15 9.75 -16.88
CA VAL HA 22 -37.43 10.11 -17.48
C VAL HA 22 -37.96 9.02 -18.38
N GLU HA 23 -37.09 8.45 -19.21
CA GLU HA 23 -37.57 7.47 -20.17
C GLU HA 23 -38.07 6.21 -19.52
N LEU HA 24 -37.41 5.75 -18.46
CA LEU HA 24 -37.82 4.52 -17.82
C LEU HA 24 -39.03 4.86 -16.96
N GLY IA 1 -37.80 -5.03 -39.45
CA GLY IA 1 -38.08 -3.63 -39.69
C GLY IA 1 -38.00 -2.80 -38.41
N PRO IA 2 -39.14 -2.25 -38.00
CA PRO IA 2 -39.20 -1.39 -36.82
C PRO IA 2 -38.93 -2.05 -35.46
N MET IA 3 -39.61 -3.15 -35.16
CA MET IA 3 -39.43 -3.78 -33.86
C MET IA 3 -38.05 -4.43 -33.75
N GLU IA 4 -37.54 -4.95 -34.87
CA GLU IA 4 -36.20 -5.53 -34.89
C GLU IA 4 -35.17 -4.45 -34.63
N GLU IA 5 -35.38 -3.29 -35.25
CA GLU IA 5 -34.49 -2.16 -35.04
C GLU IA 5 -34.48 -1.66 -33.60
N GLN IA 6 -35.66 -1.50 -33.01
CA GLN IA 6 -35.74 -1.07 -31.61
C GLN IA 6 -35.19 -2.13 -30.65
N ARG IA 7 -35.40 -3.39 -30.95
CA ARG IA 7 -34.83 -4.43 -30.12
C ARG IA 7 -33.31 -4.35 -30.16
N GLU IA 8 -32.76 -4.09 -31.35
CA GLU IA 8 -31.31 -3.96 -31.44
C GLU IA 8 -30.79 -2.76 -30.66
N ILE IA 9 -31.46 -1.61 -30.80
CA ILE IA 9 -31.00 -0.40 -30.12
C ILE IA 9 -31.06 -0.59 -28.63
N LEU IA 10 -32.09 -1.25 -28.13
CA LEU IA 10 -32.14 -1.52 -26.71
C LEU IA 10 -30.97 -2.40 -26.34
N GLU IA 11 -30.60 -3.34 -27.20
CA GLU IA 11 -29.46 -4.17 -26.82
C GLU IA 11 -28.18 -3.36 -26.68
N GLN IA 12 -28.01 -2.40 -27.57
CA GLN IA 12 -26.84 -1.52 -27.50
C GLN IA 12 -26.87 -0.66 -26.25
N LEU IA 13 -28.03 -0.10 -25.94
CA LEU IA 13 -28.18 0.74 -24.75
C LEU IA 13 -27.92 -0.02 -23.45
N LYS IA 14 -28.38 -1.26 -23.42
CA LYS IA 14 -28.10 -2.14 -22.31
C LYS IA 14 -26.59 -2.38 -22.19
N LYS IA 15 -25.93 -2.63 -23.32
CA LYS IA 15 -24.47 -2.86 -23.29
C LYS IA 15 -23.69 -1.63 -22.84
N THR IA 16 -24.05 -0.45 -23.35
CA THR IA 16 -23.39 0.78 -22.95
C THR IA 16 -23.59 0.98 -21.48
N LEU IA 17 -24.78 0.67 -21.01
CA LEU IA 17 -25.04 0.87 -19.61
C LEU IA 17 -24.21 -0.03 -18.74
N GLN IA 18 -24.11 -1.31 -19.08
CA GLN IA 18 -23.31 -2.21 -18.27
C GLN IA 18 -21.84 -1.78 -18.28
N MET IA 19 -21.36 -1.33 -19.43
CA MET IA 19 -19.99 -0.85 -19.49
C MET IA 19 -19.77 0.34 -18.56
N LEU IA 20 -20.75 1.23 -18.56
CA LEU IA 20 -20.73 2.39 -17.68
C LEU IA 20 -20.74 2.01 -16.22
N THR IA 21 -21.45 0.96 -15.86
CA THR IA 21 -21.47 0.58 -14.46
C THR IA 21 -20.14 0.02 -14.06
N VAL IA 22 -19.41 -0.58 -15.00
CA VAL IA 22 -18.06 -1.01 -14.64
C VAL IA 22 -17.22 0.23 -14.41
N GLU IA 23 -17.41 1.22 -15.27
CA GLU IA 23 -16.62 2.43 -15.21
C GLU IA 23 -16.88 3.16 -13.89
N LEU IA 24 -18.11 3.19 -13.42
CA LEU IA 24 -18.43 3.83 -12.12
C LEU IA 24 -17.85 3.02 -10.97
N GLY JA 1 -17.02 18.16 -27.12
CA GLY JA 1 -17.36 17.76 -25.76
C GLY JA 1 -16.20 17.08 -25.10
N PRO JA 2 -16.10 15.77 -25.26
CA PRO JA 2 -14.99 14.98 -24.72
C PRO JA 2 -13.66 15.27 -25.44
N MET JA 3 -13.76 15.66 -26.71
CA MET JA 3 -12.60 16.00 -27.51
C MET JA 3 -11.97 17.26 -26.91
N GLU JA 4 -12.82 18.13 -26.39
CA GLU JA 4 -12.37 19.38 -25.80
C GLU JA 4 -11.64 19.06 -24.52
N GLU JA 5 -12.19 18.08 -23.80
CA GLU JA 5 -11.58 17.66 -22.56
C GLU JA 5 -10.18 17.09 -22.79
N GLN JA 6 -10.05 16.25 -23.81
CA GLN JA 6 -8.73 15.70 -24.11
C GLN JA 6 -7.79 16.80 -24.57
N ARG JA 7 -8.31 17.76 -25.32
CA ARG JA 7 -7.46 18.86 -25.77
C ARG JA 7 -6.92 19.59 -24.55
N GLU JA 8 -7.78 19.86 -23.58
CA GLU JA 8 -7.34 20.42 -22.31
C GLU JA 8 -6.18 19.61 -21.73
N ILE JA 9 -6.42 18.33 -21.49
CA ILE JA 9 -5.40 17.45 -20.93
C ILE JA 9 -4.07 17.56 -21.66
N LEU JA 10 -4.14 17.61 -22.98
CA LEU JA 10 -2.95 17.72 -23.81
C LEU JA 10 -2.25 19.04 -23.58
N GLU JA 11 -3.02 20.10 -23.37
CA GLU JA 11 -2.39 21.39 -23.18
C GLU JA 11 -1.62 21.33 -21.87
N GLN JA 12 -2.20 20.75 -20.83
CA GLN JA 12 -1.46 20.62 -19.59
C GLN JA 12 -0.22 19.73 -19.69
N LEU JA 13 -0.30 18.65 -20.45
CA LEU JA 13 0.88 17.80 -20.60
C LEU JA 13 1.95 18.52 -21.40
N LYS JA 14 1.54 19.33 -22.37
CA LYS JA 14 2.53 20.07 -23.15
C LYS JA 14 3.21 21.10 -22.26
N LYS JA 15 2.43 21.80 -21.44
CA LYS JA 15 3.01 22.80 -20.55
C LYS JA 15 4.01 22.13 -19.61
N THR JA 16 3.57 21.04 -19.01
CA THR JA 16 4.40 20.29 -18.09
C THR JA 16 5.66 19.77 -18.74
N LEU JA 17 5.51 19.31 -19.97
CA LEU JA 17 6.65 18.76 -20.68
C LEU JA 17 7.64 19.84 -21.01
N GLN JA 18 7.15 20.99 -21.41
CA GLN JA 18 8.02 22.09 -21.71
C GLN JA 18 8.81 22.49 -20.51
N MET JA 19 8.15 22.59 -19.35
CA MET JA 19 8.88 22.95 -18.15
C MET JA 19 9.97 21.97 -17.75
N LEU JA 20 9.62 20.69 -17.69
CA LEU JA 20 10.64 19.75 -17.26
C LEU JA 20 11.73 19.66 -18.29
N THR JA 21 11.34 19.81 -19.54
CA THR JA 21 12.31 19.74 -20.61
C THR JA 21 13.29 20.90 -20.56
N VAL JA 22 12.79 22.07 -20.16
CA VAL JA 22 13.67 23.21 -19.99
C VAL JA 22 14.63 22.95 -18.86
N GLU JA 23 14.12 22.44 -17.75
CA GLU JA 23 15.03 22.19 -16.62
C GLU JA 23 16.04 21.08 -16.88
N LEU JA 24 15.65 20.02 -17.59
CA LEU JA 24 16.57 18.93 -17.82
C LEU JA 24 17.58 19.34 -18.89
N GLY KA 1 19.59 18.69 5.52
CA GLY KA 1 19.45 20.05 5.02
C GLY KA 1 19.05 20.07 3.56
N PRO KA 2 19.70 20.93 2.78
CA PRO KA 2 19.46 21.15 1.34
C PRO KA 2 19.81 19.95 0.45
N MET KA 3 20.89 19.25 0.72
CA MET KA 3 21.23 18.13 -0.15
C MET KA 3 20.29 16.94 -0.09
N GLU KA 4 19.91 16.56 1.13
CA GLU KA 4 19.01 15.44 1.35
C GLU KA 4 17.64 15.74 0.79
N GLU KA 5 17.18 16.98 0.98
CA GLU KA 5 15.92 17.40 0.42
C GLU KA 5 15.97 17.43 -1.13
N GLN KA 6 17.08 17.88 -1.70
CA GLN KA 6 17.15 17.92 -3.16
C GLN KA 6 17.06 16.49 -3.68
N ARG KA 7 17.72 15.58 -2.98
CA ARG KA 7 17.67 14.18 -3.35
C ARG KA 7 16.26 13.67 -3.23
N GLU KA 8 15.55 14.16 -2.23
CA GLU KA 8 14.19 13.71 -2.01
C GLU KA 8 13.17 14.12 -3.09
N ILE KA 9 13.18 15.40 -3.46
CA ILE KA 9 12.30 15.89 -4.50
C ILE KA 9 12.69 15.24 -5.81
N LEU KA 10 13.97 14.99 -5.99
CA LEU KA 10 14.37 14.29 -7.21
C LEU KA 10 13.74 12.93 -7.27
N GLU KA 11 13.73 12.20 -6.16
CA GLU KA 11 13.14 10.87 -6.21
C GLU KA 11 11.63 10.89 -6.41
N GLN KA 12 10.97 11.87 -5.83
CA GLN KA 12 9.53 12.00 -6.03
C GLN KA 12 9.30 12.24 -7.50
N LEU KA 13 10.08 13.10 -8.11
CA LEU KA 13 9.92 13.33 -9.54
C LEU KA 13 10.16 12.07 -10.33
N LYS KA 14 11.14 11.27 -9.94
CA LYS KA 14 11.36 10.04 -10.69
C LYS KA 14 10.19 9.09 -10.62
N LYS KA 15 9.61 8.86 -9.44
CA LYS KA 15 8.45 7.97 -9.40
C LYS KA 15 7.26 8.56 -10.13
N THR KA 16 6.93 9.84 -9.91
CA THR KA 16 5.80 10.44 -10.60
C THR KA 16 5.97 10.39 -12.09
N LEU KA 17 7.18 10.60 -12.53
CA LEU KA 17 7.45 10.59 -13.94
C LEU KA 17 7.22 9.18 -14.45
N GLN KA 18 7.69 8.20 -13.68
CA GLN KA 18 7.58 6.80 -14.03
C GLN KA 18 6.14 6.37 -14.18
N MET KA 19 5.32 6.83 -13.26
CA MET KA 19 3.90 6.54 -13.31
C MET KA 19 3.24 7.21 -14.49
N LEU KA 20 3.57 8.46 -14.75
CA LEU KA 20 2.98 9.17 -15.87
C LEU KA 20 3.33 8.51 -17.17
N THR KA 21 4.52 7.97 -17.28
CA THR KA 21 4.88 7.28 -18.50
C THR KA 21 4.10 6.00 -18.54
N VAL KA 22 3.74 5.43 -17.39
CA VAL KA 22 2.89 4.24 -17.46
C VAL KA 22 1.53 4.65 -18.02
N GLU KA 23 1.01 5.77 -17.54
CA GLU KA 23 -0.30 6.21 -17.94
C GLU KA 23 -0.41 6.61 -19.37
N LEU KA 24 0.44 7.52 -19.83
CA LEU KA 24 0.32 7.95 -21.22
C LEU KA 24 0.78 6.81 -22.13
N GLY LA 1 -0.27 10.68 -0.33
CA GLY LA 1 0.15 11.44 -1.50
C GLY LA 1 0.46 10.55 -2.67
N PRO LA 2 1.65 9.94 -2.67
CA PRO LA 2 2.07 9.00 -3.71
C PRO LA 2 1.18 7.76 -3.76
N MET LA 3 0.90 7.19 -2.59
CA MET LA 3 0.10 5.98 -2.49
C MET LA 3 -1.26 6.15 -3.16
N GLU LA 4 -1.88 7.31 -2.92
CA GLU LA 4 -3.19 7.61 -3.48
C GLU LA 4 -3.16 7.60 -5.00
N GLU LA 5 -2.23 8.36 -5.57
CA GLU LA 5 -2.06 8.42 -7.02
C GLU LA 5 -1.81 7.03 -7.60
N GLN LA 6 -1.02 6.24 -6.88
CA GLN LA 6 -0.71 4.88 -7.32
C GLN LA 6 -1.97 4.04 -7.41
N ARG LA 7 -2.75 4.07 -6.33
CA ARG LA 7 -4.02 3.37 -6.26
C ARG LA 7 -4.89 3.78 -7.43
N GLU LA 8 -4.89 5.07 -7.70
CA GLU LA 8 -5.65 5.65 -8.80
C GLU LA 8 -5.23 5.08 -10.15
N ILE LA 9 -3.92 5.09 -10.40
CA ILE LA 9 -3.35 4.52 -11.62
C ILE LA 9 -3.80 3.08 -11.81
N LEU LA 10 -3.60 2.28 -10.76
CA LEU LA 10 -4.09 0.90 -10.77
C LEU LA 10 -5.55 0.84 -11.15
N GLU LA 11 -6.36 1.67 -10.49
CA GLU LA 11 -7.80 1.72 -10.75
C GLU LA 11 -8.09 1.94 -12.23
N GLN LA 12 -7.33 2.83 -12.85
CA GLN LA 12 -7.59 3.15 -14.25
C GLN LA 12 -7.13 2.04 -15.18
N LEU LA 13 -6.11 1.29 -14.77
CA LEU LA 13 -5.54 0.20 -15.59
C LEU LA 13 -6.56 -0.57 -16.42
N LYS LA 14 -7.71 -0.87 -15.82
CA LYS LA 14 -8.75 -1.63 -16.50
C LYS LA 14 -9.30 -0.87 -17.70
N MET MA 3 -19.42 -8.18 -28.82
CA MET MA 3 -19.52 -6.94 -28.07
C MET MA 3 -19.92 -7.18 -26.62
N GLU MA 4 -20.92 -8.04 -26.41
CA GLU MA 4 -21.33 -8.44 -25.07
C GLU MA 4 -20.21 -9.18 -24.35
N GLU MA 5 -19.50 -10.03 -25.08
CA GLU MA 5 -18.38 -10.78 -24.55
C GLU MA 5 -17.23 -9.86 -24.13
N GLN MA 6 -16.93 -8.89 -24.99
CA GLN MA 6 -15.89 -7.89 -24.71
C GLN MA 6 -16.18 -7.12 -23.42
N ARG MA 7 -17.45 -7.02 -23.07
CA ARG MA 7 -17.85 -6.38 -21.82
C ARG MA 7 -17.72 -7.37 -20.66
N GLU MA 8 -18.19 -8.59 -20.90
CA GLU MA 8 -18.13 -9.65 -19.90
C GLU MA 8 -16.72 -9.86 -19.38
N ILE MA 9 -15.74 -9.84 -20.28
CA ILE MA 9 -14.34 -10.08 -19.88
C ILE MA 9 -13.79 -8.96 -19.02
N LEU MA 10 -13.94 -7.71 -19.45
CA LEU MA 10 -13.40 -6.59 -18.70
C LEU MA 10 -14.07 -6.52 -17.33
N GLU MA 11 -15.34 -6.91 -17.30
CA GLU MA 11 -16.10 -7.02 -16.06
C GLU MA 11 -15.49 -8.09 -15.15
N GLN MA 12 -15.13 -9.23 -15.74
CA GLN MA 12 -14.51 -10.31 -14.98
C GLN MA 12 -13.11 -9.94 -14.51
N LEU MA 13 -12.54 -8.90 -15.12
CA LEU MA 13 -11.19 -8.42 -14.80
C LEU MA 13 -11.19 -7.42 -13.64
N LYS MA 14 -12.20 -6.55 -13.64
CA LYS MA 14 -12.33 -5.53 -12.60
C LYS MA 14 -12.25 -6.11 -11.19
N LYS MA 15 -12.64 -7.37 -11.05
CA LYS MA 15 -12.55 -8.06 -9.77
C LYS MA 15 -11.11 -8.21 -9.30
N THR MA 16 -10.25 -8.71 -10.19
CA THR MA 16 -8.85 -8.89 -9.85
C THR MA 16 -8.22 -7.55 -9.59
N LEU MA 17 -8.68 -6.55 -10.35
CA LEU MA 17 -8.29 -5.17 -10.07
C LEU MA 17 -8.54 -4.83 -8.60
N GLN MA 18 -9.77 -5.07 -8.16
CA GLN MA 18 -10.16 -4.74 -6.78
C GLN MA 18 -9.34 -5.52 -5.76
N MET MA 19 -9.15 -6.81 -6.02
CA MET MA 19 -8.33 -7.66 -5.15
C MET MA 19 -6.94 -7.05 -4.94
N LEU MA 20 -6.34 -6.66 -6.06
CA LEU MA 20 -5.02 -6.05 -6.06
C LEU MA 20 -4.99 -4.73 -5.28
N THR MA 21 -5.88 -3.81 -5.63
CA THR MA 21 -5.95 -2.53 -4.96
C THR MA 21 -6.10 -2.72 -3.45
N VAL MA 22 -6.86 -3.74 -3.07
CA VAL MA 22 -7.04 -4.08 -1.66
C VAL MA 22 -5.73 -4.56 -1.05
N GLU MA 23 -5.00 -5.37 -1.80
CA GLU MA 23 -3.70 -5.84 -1.35
C GLU MA 23 -2.79 -4.65 -1.05
N LEU MA 24 -3.00 -3.55 -1.76
CA LEU MA 24 -2.22 -2.34 -1.54
C LEU MA 24 -2.65 -1.63 -0.27
#